data_6IYL
#
_entry.id   6IYL
#
_cell.length_a   124.590
_cell.length_b   57.160
_cell.length_c   172.065
_cell.angle_alpha   90.00
_cell.angle_beta   96.54
_cell.angle_gamma   90.00
#
_symmetry.space_group_name_H-M   'I 1 2 1'
#
loop_
_entity.id
_entity.type
_entity.pdbx_description
1 polymer '2,3-dihydroxybenzoate-AMP ligase component of enterobactin synthase multienzyme complex'
2 non-polymer "5'-O-[(3-cyanobenzene-1-carbonyl)sulfamoyl]adenosine"
3 water water
#
_entity_poly.entity_id   1
_entity_poly.type   'polypeptide(L)'
_entity_poly.pdbx_seq_one_letter_code
;MSIPFTRWPEEFARRYREKGYWQDLPLTDILTRHAASDSIAVIDGERQLSYRELNQAADNLACSLRRQGIKPGETALVQL
GNVAELYITFFALLKLGVAPVLALFSHQRSELNAYASQIEPALLIADRQHALFSGDDFLNTFVTEHSSIRVVQLLNDSGE
HNLQDAINHPAEDFTATPSPADEVAYFQLSGGTTGTPKLIPRTHNDYYYSVRRSVEICQFTQQTRYLCAIPAAHGYAMSS
PGSLGVFLAGGTVVLAADPSATLCFPLIEKHQVNVTALVPPAVSLWLQALIEGESRAQLASLKLLQVGGARLSATLAARI
PAEIGCQLQQVFGMAEGLVNYTRLDDSAEKIIHTQGYPMCPDDEVWVADAEGNPLPQGEVGRLMTRGPYTFRGYYKSPQH
NASAFDANGFYCSGDLISIDPEGYITVQGREKDQINRGGEKIAAEEIENLLLRHPAVIYAALVSMEDELMGEKSCAYLVV
KEPLRAVQVRRFLREQGIAEFKLPDRVECVDSLPLTAVGKVDKKQLRQWLASRASATNSSSVDKLAAALEHHHHHH
;
_entity_poly.pdbx_strand_id   A,B
#
loop_
_chem_comp.id
_chem_comp.type
_chem_comp.name
_chem_comp.formula
B1X non-polymer 5'-O-[(3-cyanobenzene-1-carbonyl)sulfamoyl]adenosine 'C18 H17 N7 O7 S'
#
# COMPACT_ATOMS: atom_id res chain seq x y z
N ILE A 3 21.85 42.88 -2.39
CA ILE A 3 21.23 41.57 -1.99
C ILE A 3 19.88 41.36 -2.68
N PRO A 4 19.77 40.38 -3.62
CA PRO A 4 18.62 40.28 -4.48
C PRO A 4 17.46 39.62 -3.81
N PHE A 5 16.27 40.17 -4.01
CA PHE A 5 15.05 39.69 -3.39
C PHE A 5 13.88 40.17 -4.18
N THR A 6 12.71 39.58 -3.99
CA THR A 6 11.55 39.91 -4.79
C THR A 6 10.78 41.10 -4.17
N ARG A 7 10.75 42.23 -4.88
CA ARG A 7 10.19 43.46 -4.34
C ARG A 7 8.70 43.38 -4.47
N TRP A 8 8.02 44.20 -3.68
CA TRP A 8 6.60 44.43 -3.91
C TRP A 8 6.43 45.29 -5.19
N PRO A 9 5.32 45.09 -5.93
CA PRO A 9 5.04 46.01 -7.02
C PRO A 9 4.87 47.42 -6.46
N GLU A 10 5.30 48.41 -7.24
CA GLU A 10 5.35 49.79 -6.81
C GLU A 10 4.02 50.35 -6.30
N GLU A 11 2.89 49.91 -6.83
CA GLU A 11 1.63 50.38 -6.31
C GLU A 11 1.36 49.85 -4.89
N PHE A 12 1.83 48.63 -4.59
CA PHE A 12 1.72 48.08 -3.23
C PHE A 12 2.60 48.79 -2.23
N ALA A 13 3.87 48.98 -2.54
CA ALA A 13 4.74 49.79 -1.68
C ALA A 13 4.12 51.15 -1.38
N ARG A 14 3.59 51.79 -2.42
CA ARG A 14 3.11 53.15 -2.31
C ARG A 14 1.91 53.19 -1.38
N ARG A 15 0.98 52.26 -1.55
CA ARG A 15 -0.17 52.13 -0.64
C ARG A 15 0.27 51.86 0.81
N TYR A 16 1.20 50.93 0.99
CA TYR A 16 1.60 50.52 2.31
C TYR A 16 2.30 51.64 3.06
N ARG A 17 3.03 52.49 2.33
CA ARG A 17 3.52 53.72 2.95
C ARG A 17 2.37 54.72 3.26
N GLU A 18 1.39 54.84 2.37
CA GLU A 18 0.36 55.86 2.53
C GLU A 18 -0.51 55.56 3.75
N LYS A 19 -0.70 54.27 4.05
CA LYS A 19 -1.45 53.84 5.24
C LYS A 19 -0.60 53.82 6.49
N GLY A 20 0.70 54.00 6.38
CA GLY A 20 1.55 54.04 7.56
C GLY A 20 2.20 52.75 7.99
N TYR A 21 1.98 51.66 7.27
CA TYR A 21 2.56 50.36 7.61
C TYR A 21 4.08 50.34 7.46
N TRP A 22 4.56 50.89 6.36
CA TRP A 22 5.99 50.95 6.06
C TRP A 22 6.43 52.33 6.51
N GLN A 23 7.25 52.39 7.55
CA GLN A 23 7.73 53.68 8.11
C GLN A 23 9.11 54.15 7.62
N ASP A 24 9.80 53.33 6.83
CA ASP A 24 11.16 53.60 6.37
C ASP A 24 12.17 53.88 7.46
N LEU A 25 11.98 53.25 8.61
CA LEU A 25 12.98 53.23 9.69
C LEU A 25 13.72 51.91 9.71
N PRO A 26 15.00 51.94 10.05
CA PRO A 26 15.67 50.64 10.18
C PRO A 26 15.25 49.95 11.46
N LEU A 27 15.47 48.64 11.53
CA LEU A 27 15.13 47.86 12.69
C LEU A 27 16.03 48.20 13.86
N THR A 28 17.18 48.81 13.58
CA THR A 28 18.12 49.26 14.65
C THR A 28 17.45 50.23 15.62
N ASP A 29 16.41 50.91 15.14
CA ASP A 29 15.74 51.94 15.88
C ASP A 29 14.94 51.37 17.06
N ILE A 30 14.64 50.06 16.99
CA ILE A 30 13.96 49.35 18.09
C ILE A 30 14.80 49.43 19.38
N LEU A 31 16.11 49.42 19.20
CA LEU A 31 17.05 49.45 20.27
C LEU A 31 17.56 50.90 20.55
N THR A 32 17.84 51.66 19.49
CA THR A 32 18.48 52.94 19.68
C THR A 32 17.53 53.96 20.28
N ARG A 33 16.22 53.81 20.12
CA ARG A 33 15.33 54.72 20.82
C ARG A 33 15.48 54.60 22.33
N HIS A 34 16.05 53.49 22.82
CA HIS A 34 16.22 53.22 24.26
C HIS A 34 17.66 53.31 24.66
N ALA A 35 18.49 53.85 23.78
CA ALA A 35 19.94 53.86 24.02
C ALA A 35 20.37 54.59 25.28
N ALA A 36 19.56 55.48 25.79
CA ALA A 36 19.94 56.18 26.98
C ALA A 36 19.28 55.56 28.22
N SER A 37 18.68 54.38 28.10
CA SER A 37 17.93 53.85 29.23
C SER A 37 18.70 52.79 29.99
N ASP A 38 18.61 52.87 31.32
CA ASP A 38 19.22 51.93 32.21
C ASP A 38 18.19 50.92 32.74
N SER A 39 16.98 50.92 32.24
CA SER A 39 16.08 49.84 32.64
C SER A 39 16.56 48.51 32.02
N ILE A 40 16.17 47.40 32.60
CA ILE A 40 16.66 46.09 32.17
C ILE A 40 15.96 45.59 30.90
N ALA A 41 16.76 45.29 29.88
CA ALA A 41 16.28 44.77 28.59
C ALA A 41 16.30 43.25 28.52
N VAL A 42 17.37 42.65 29.05
CA VAL A 42 17.60 41.20 28.94
C VAL A 42 18.05 40.65 30.27
N ILE A 43 17.45 39.54 30.66
CA ILE A 43 17.91 38.78 31.79
C ILE A 43 18.27 37.39 31.27
N ASP A 44 19.51 36.99 31.52
CA ASP A 44 20.01 35.68 31.06
C ASP A 44 20.75 34.99 32.23
N GLY A 45 20.10 34.09 32.93
CA GLY A 45 20.67 33.59 34.20
C GLY A 45 20.88 34.71 35.23
N GLU A 46 22.12 34.96 35.65
CA GLU A 46 22.40 35.94 36.72
C GLU A 46 22.70 37.31 36.11
N ARG A 47 22.85 37.31 34.79
CA ARG A 47 23.20 38.48 34.01
C ARG A 47 22.00 39.35 33.68
N GLN A 48 22.13 40.65 33.87
CA GLN A 48 21.06 41.58 33.53
C GLN A 48 21.62 42.74 32.73
N LEU A 49 21.18 42.88 31.49
CA LEU A 49 21.69 43.89 30.60
C LEU A 49 20.68 44.99 30.41
N SER A 50 21.10 46.24 30.59
CA SER A 50 20.21 47.35 30.38
C SER A 50 20.08 47.64 28.89
N TYR A 51 19.11 48.47 28.51
CA TYR A 51 19.11 48.96 27.13
C TYR A 51 20.43 49.68 26.76
N ARG A 52 20.92 50.59 27.61
CA ARG A 52 22.15 51.32 27.35
C ARG A 52 23.26 50.34 27.05
N GLU A 53 23.43 49.35 27.95
CA GLU A 53 24.48 48.34 27.77
C GLU A 53 24.29 47.48 26.49
N LEU A 54 23.04 47.07 26.22
CA LEU A 54 22.69 46.25 25.06
C LEU A 54 23.07 46.98 23.76
N ASN A 55 22.68 48.26 23.68
CA ASN A 55 23.06 49.06 22.52
C ASN A 55 24.58 49.28 22.41
N GLN A 56 25.27 49.48 23.52
CA GLN A 56 26.70 49.65 23.52
C GLN A 56 27.39 48.34 23.08
N ALA A 57 26.86 47.23 23.56
CA ALA A 57 27.42 45.91 23.17
C ALA A 57 27.28 45.71 21.65
N ALA A 58 26.11 45.98 21.10
CA ALA A 58 25.93 45.87 19.63
C ALA A 58 26.90 46.79 18.81
N ASP A 59 27.10 48.02 19.26
CA ASP A 59 28.05 48.95 18.65
C ASP A 59 29.48 48.41 18.73
N ASN A 60 29.87 47.94 19.91
CA ASN A 60 31.21 47.38 20.07
C ASN A 60 31.46 46.22 19.12
N LEU A 61 30.54 45.27 19.11
CA LEU A 61 30.61 44.15 18.20
C LEU A 61 30.63 44.60 16.72
N ALA A 62 29.77 45.54 16.37
CA ALA A 62 29.69 46.00 14.98
C ALA A 62 31.01 46.60 14.56
N CYS A 63 31.54 47.48 15.40
CA CYS A 63 32.76 48.20 15.14
C CYS A 63 33.88 47.20 14.99
N SER A 64 33.91 46.24 15.89
CA SER A 64 34.95 45.24 15.90
C SER A 64 34.92 44.42 14.60
N LEU A 65 33.73 44.06 14.16
CA LEU A 65 33.61 43.32 12.92
C LEU A 65 34.06 44.16 11.77
N ARG A 66 33.81 45.47 11.85
CA ARG A 66 34.12 46.40 10.79
C ARG A 66 35.61 46.56 10.66
N ARG A 67 36.29 46.60 11.79
CA ARG A 67 37.75 46.59 11.89
C ARG A 67 38.32 45.31 11.27
N GLN A 68 37.63 44.19 11.46
CA GLN A 68 38.05 42.90 10.89
C GLN A 68 37.70 42.77 9.41
N GLY A 69 37.03 43.76 8.85
CA GLY A 69 36.83 43.85 7.39
C GLY A 69 35.49 43.46 6.81
N ILE A 70 34.48 43.26 7.69
CA ILE A 70 33.15 42.90 7.25
C ILE A 70 32.47 44.14 6.75
N LYS A 71 31.68 44.02 5.70
CA LYS A 71 31.11 45.16 5.01
C LYS A 71 29.58 45.12 4.82
N PRO A 72 28.97 46.30 4.63
CA PRO A 72 27.55 46.38 4.35
C PRO A 72 27.21 45.64 3.08
N GLY A 73 26.03 45.05 3.01
CA GLY A 73 25.63 44.22 1.89
C GLY A 73 26.21 42.82 1.92
N GLU A 74 27.06 42.50 2.89
CA GLU A 74 27.48 41.09 3.06
C GLU A 74 26.46 40.32 3.91
N THR A 75 26.57 39.00 3.86
CA THR A 75 25.75 38.09 4.67
C THR A 75 26.58 37.41 5.75
N ALA A 76 25.87 36.92 6.78
CA ALA A 76 26.47 36.18 7.90
C ALA A 76 25.64 34.97 8.27
N LEU A 77 26.30 33.94 8.79
CA LEU A 77 25.61 32.83 9.42
C LEU A 77 25.81 32.86 10.93
N VAL A 78 24.71 32.84 11.66
CA VAL A 78 24.76 32.94 13.12
C VAL A 78 24.05 31.75 13.74
N GLN A 79 24.70 31.11 14.72
CA GLN A 79 24.09 30.02 15.50
C GLN A 79 24.23 30.20 17.02
N LEU A 80 23.22 30.76 17.63
CA LEU A 80 23.22 31.01 19.06
C LEU A 80 21.84 30.67 19.60
N GLY A 81 21.82 30.10 20.82
CA GLY A 81 20.60 29.69 21.41
C GLY A 81 20.02 30.83 22.21
N ASN A 82 19.51 30.50 23.40
CA ASN A 82 18.76 31.46 24.18
C ASN A 82 19.69 32.20 25.07
N VAL A 83 20.57 32.97 24.45
CA VAL A 83 21.59 33.71 25.18
C VAL A 83 21.50 35.16 24.75
N ALA A 84 21.90 36.05 25.67
CA ALA A 84 21.89 37.50 25.37
C ALA A 84 22.69 37.89 24.13
N GLU A 85 23.72 37.12 23.82
CA GLU A 85 24.55 37.40 22.69
C GLU A 85 23.85 37.21 21.37
N LEU A 86 22.70 36.51 21.38
CA LEU A 86 21.85 36.46 20.20
C LEU A 86 21.43 37.85 19.80
N TYR A 87 20.88 38.55 20.78
CA TYR A 87 20.33 39.85 20.52
C TYR A 87 21.43 40.90 20.22
N ILE A 88 22.50 40.90 21.01
CA ILE A 88 23.65 41.77 20.72
C ILE A 88 24.08 41.56 19.28
N THR A 89 24.24 40.31 18.88
CA THR A 89 24.70 40.00 17.53
C THR A 89 23.71 40.46 16.46
N PHE A 90 22.42 40.25 16.69
CA PHE A 90 21.43 40.63 15.70
C PHE A 90 21.55 42.13 15.48
N PHE A 91 21.56 42.90 16.57
CA PHE A 91 21.66 44.35 16.40
C PHE A 91 23.01 44.84 15.87
N ALA A 92 24.09 44.16 16.22
CA ALA A 92 25.37 44.55 15.63
C ALA A 92 25.36 44.38 14.09
N LEU A 93 24.84 43.26 13.60
CA LEU A 93 24.81 43.02 12.18
C LEU A 93 23.86 43.96 11.47
N LEU A 94 22.78 44.34 12.14
CA LEU A 94 21.87 45.30 11.55
C LEU A 94 22.53 46.65 11.46
N LYS A 95 23.29 47.04 12.47
CA LYS A 95 23.95 48.35 12.43
C LYS A 95 25.03 48.42 11.35
N LEU A 96 25.57 47.27 10.95
CA LEU A 96 26.51 47.20 9.86
C LEU A 96 25.91 47.07 8.46
N GLY A 97 24.61 46.83 8.37
CA GLY A 97 24.00 46.53 7.06
C GLY A 97 24.36 45.14 6.52
N VAL A 98 24.57 44.18 7.41
CA VAL A 98 24.91 42.80 7.06
C VAL A 98 23.72 41.96 7.42
N ALA A 99 23.30 41.10 6.49
CA ALA A 99 22.07 40.30 6.65
C ALA A 99 22.40 38.87 7.09
N PRO A 100 21.99 38.50 8.32
CA PRO A 100 22.20 37.14 8.80
C PRO A 100 21.08 36.15 8.52
N VAL A 101 21.47 34.87 8.48
CA VAL A 101 20.59 33.76 8.84
C VAL A 101 20.87 33.42 10.28
N LEU A 102 19.82 33.28 11.07
CA LEU A 102 19.92 32.83 12.46
C LEU A 102 19.53 31.35 12.56
N ALA A 103 20.50 30.48 12.42
CA ALA A 103 20.24 29.05 12.59
C ALA A 103 19.87 28.78 14.04
N LEU A 104 18.99 27.83 14.28
CA LEU A 104 18.75 27.36 15.67
C LEU A 104 19.90 26.52 16.23
N PHE A 105 20.07 26.60 17.55
CA PHE A 105 21.08 25.81 18.21
C PHE A 105 20.97 24.33 17.83
N SER A 106 19.74 23.85 17.59
CA SER A 106 19.55 22.42 17.37
C SER A 106 20.05 21.95 16.01
N HIS A 107 20.18 22.87 15.06
CA HIS A 107 20.56 22.54 13.70
C HIS A 107 21.99 22.00 13.66
N GLN A 108 22.23 21.15 12.68
CA GLN A 108 23.52 20.42 12.59
C GLN A 108 24.23 20.65 11.22
N ARG A 109 25.19 19.78 10.80
CA ARG A 109 25.98 19.99 9.56
C ARG A 109 25.14 20.21 8.28
N SER A 110 24.14 19.38 8.04
CA SER A 110 23.45 19.49 6.80
C SER A 110 22.75 20.85 6.72
N GLU A 111 22.11 21.28 7.79
CA GLU A 111 21.40 22.54 7.78
C GLU A 111 22.34 23.75 7.67
N LEU A 112 23.42 23.75 8.45
CA LEU A 112 24.38 24.86 8.37
C LEU A 112 25.01 24.89 7.01
N ASN A 113 25.32 23.72 6.45
CA ASN A 113 25.92 23.66 5.11
C ASN A 113 24.98 24.25 4.07
N ALA A 114 23.71 23.90 4.21
CA ALA A 114 22.71 24.39 3.27
C ALA A 114 22.58 25.92 3.38
N TYR A 115 22.55 26.45 4.58
CA TYR A 115 22.39 27.90 4.74
C TYR A 115 23.60 28.62 4.17
N ALA A 116 24.79 28.18 4.56
CA ALA A 116 26.01 28.79 4.04
C ALA A 116 26.10 28.71 2.51
N SER A 117 25.64 27.64 1.90
CA SER A 117 25.74 27.48 0.46
C SER A 117 24.91 28.50 -0.27
N GLN A 118 23.71 28.76 0.25
CA GLN A 118 22.83 29.72 -0.35
C GLN A 118 23.24 31.21 -0.16
N ILE A 119 23.77 31.58 1.00
CA ILE A 119 24.02 33.00 1.30
C ILE A 119 25.50 33.46 1.20
N GLU A 120 26.42 32.51 1.18
CA GLU A 120 27.85 32.78 1.03
C GLU A 120 28.35 33.82 2.04
N PRO A 121 28.21 33.47 3.32
CA PRO A 121 28.45 34.42 4.39
C PRO A 121 29.92 34.80 4.54
N ALA A 122 30.16 36.05 4.86
CA ALA A 122 31.51 36.56 5.13
C ALA A 122 31.86 36.34 6.59
N LEU A 123 30.84 36.04 7.38
CA LEU A 123 31.01 35.96 8.82
C LEU A 123 30.25 34.77 9.35
N LEU A 124 30.88 34.04 10.29
CA LEU A 124 30.28 32.91 10.99
C LEU A 124 30.39 33.22 12.45
N ILE A 125 29.27 33.16 13.15
CA ILE A 125 29.27 33.31 14.60
C ILE A 125 28.60 32.06 15.20
N ALA A 126 29.28 31.36 16.11
CA ALA A 126 28.73 30.11 16.69
C ALA A 126 29.09 29.98 18.17
N ASP A 127 28.90 28.81 18.76
CA ASP A 127 29.06 28.66 20.18
C ASP A 127 29.79 27.37 20.43
N ARG A 128 30.94 27.45 21.10
CA ARG A 128 31.77 26.27 21.42
C ARG A 128 31.07 25.28 22.30
N GLN A 129 29.98 25.71 22.91
CA GLN A 129 29.09 24.77 23.53
C GLN A 129 28.36 23.82 22.58
N HIS A 130 28.26 24.21 21.31
CA HIS A 130 27.66 23.32 20.32
C HIS A 130 28.64 22.18 19.99
N ALA A 131 28.12 20.96 19.84
CA ALA A 131 28.96 19.80 19.57
C ALA A 131 29.85 19.97 18.35
N LEU A 132 29.37 20.70 17.35
CA LEU A 132 30.14 20.96 16.14
C LEU A 132 31.31 21.90 16.36
N PHE A 133 31.26 22.75 17.39
CA PHE A 133 32.22 23.80 17.53
C PHE A 133 33.04 23.73 18.83
N SER A 134 32.92 22.67 19.60
CA SER A 134 33.76 22.53 20.79
C SER A 134 35.22 22.30 20.38
N GLY A 135 35.42 21.56 19.31
CA GLY A 135 36.74 21.48 18.68
C GLY A 135 36.86 22.37 17.45
N ASP A 136 37.93 22.14 16.70
CA ASP A 136 38.25 22.87 15.49
C ASP A 136 38.16 22.04 14.21
N ASP A 137 37.95 20.74 14.31
CA ASP A 137 37.84 19.88 13.13
C ASP A 137 36.75 20.32 12.18
N PHE A 138 35.50 20.36 12.64
CA PHE A 138 34.42 20.76 11.73
C PHE A 138 34.63 22.16 11.17
N LEU A 139 35.04 23.09 12.02
CA LEU A 139 35.30 24.45 11.60
C LEU A 139 36.22 24.50 10.43
N ASN A 140 37.24 23.65 10.47
CA ASN A 140 38.21 23.58 9.41
C ASN A 140 37.55 23.12 8.14
N THR A 141 36.70 22.12 8.24
CA THR A 141 36.02 21.61 7.06
C THR A 141 35.07 22.66 6.55
N PHE A 142 34.31 23.25 7.47
CA PHE A 142 33.28 24.21 7.10
C PHE A 142 33.84 25.45 6.43
N VAL A 143 34.91 25.97 6.97
CA VAL A 143 35.48 27.17 6.48
C VAL A 143 36.20 26.89 5.12
N THR A 144 36.66 25.66 4.90
CA THR A 144 37.19 25.26 3.61
C THR A 144 36.10 25.11 2.56
N GLU A 145 34.96 24.52 2.92
CA GLU A 145 33.87 24.29 1.95
C GLU A 145 32.99 25.50 1.70
N HIS A 146 33.17 26.56 2.47
CA HIS A 146 32.45 27.83 2.31
C HIS A 146 33.47 28.95 2.49
N SER A 147 34.23 29.17 1.42
CA SER A 147 35.40 30.03 1.44
C SER A 147 35.05 31.50 1.45
N SER A 148 33.77 31.81 1.29
CA SER A 148 33.26 33.14 1.52
C SER A 148 33.49 33.60 2.94
N ILE A 149 33.59 32.66 3.90
CA ILE A 149 33.81 33.02 5.30
C ILE A 149 35.21 33.60 5.57
N ARG A 150 35.26 34.85 6.03
CA ARG A 150 36.55 35.50 6.34
C ARG A 150 36.79 35.66 7.84
N VAL A 151 35.72 35.69 8.62
CA VAL A 151 35.81 35.96 10.05
C VAL A 151 34.95 34.94 10.79
N VAL A 152 35.50 34.38 11.86
CA VAL A 152 34.78 33.47 12.72
C VAL A 152 34.84 34.03 14.15
N GLN A 153 33.68 34.22 14.77
CA GLN A 153 33.62 34.56 16.17
C GLN A 153 32.85 33.49 16.95
N LEU A 154 33.30 33.15 18.13
CA LEU A 154 32.71 32.05 18.85
C LEU A 154 32.44 32.47 20.23
N LEU A 155 31.25 32.14 20.69
CA LEU A 155 30.91 32.18 22.09
C LEU A 155 31.60 31.05 22.85
N ASN A 156 31.94 31.33 24.11
CA ASN A 156 32.59 30.38 25.03
C ASN A 156 33.90 29.86 24.52
N ASP A 157 34.61 30.76 23.86
CA ASP A 157 35.95 30.50 23.37
C ASP A 157 36.82 31.41 24.20
N SER A 158 38.02 30.95 24.50
CA SER A 158 39.02 31.79 25.19
C SER A 158 40.21 32.11 24.27
N GLY A 159 40.26 31.47 23.10
CA GLY A 159 41.33 31.68 22.10
C GLY A 159 41.22 33.01 21.40
N GLU A 160 41.71 33.08 20.17
CA GLU A 160 41.70 34.36 19.45
C GLU A 160 40.37 34.64 18.76
N HIS A 161 39.40 33.75 18.88
CA HIS A 161 38.11 33.98 18.21
C HIS A 161 36.97 34.26 19.20
N ASN A 162 37.32 34.78 20.37
CA ASN A 162 36.39 34.96 21.45
C ASN A 162 35.40 36.07 21.16
N LEU A 163 34.16 35.70 20.86
CA LEU A 163 33.10 36.70 20.65
C LEU A 163 32.99 37.79 21.74
N GLN A 164 33.31 37.46 22.97
CA GLN A 164 33.23 38.40 24.09
C GLN A 164 34.27 39.52 24.02
N ASP A 165 35.47 39.20 23.57
CA ASP A 165 36.50 40.22 23.39
C ASP A 165 36.00 41.33 22.45
N ALA A 166 35.32 40.94 21.39
CA ALA A 166 34.74 41.93 20.50
C ALA A 166 33.62 42.74 21.16
N ILE A 167 32.73 42.05 21.87
CA ILE A 167 31.63 42.73 22.51
C ILE A 167 32.14 43.73 23.55
N ASN A 168 33.17 43.32 24.30
CA ASN A 168 33.75 44.12 25.36
C ASN A 168 34.73 45.20 24.90
N HIS A 169 35.07 45.23 23.62
CA HIS A 169 35.96 46.26 23.11
C HIS A 169 35.21 47.58 22.72
N PRO A 170 35.39 48.66 23.50
CA PRO A 170 34.61 49.89 23.30
C PRO A 170 34.81 50.47 21.92
N ALA A 171 33.71 50.69 21.22
CA ALA A 171 33.78 51.14 19.88
C ALA A 171 34.30 52.55 19.91
N GLU A 172 35.33 52.81 19.11
CA GLU A 172 35.98 54.11 19.11
C GLU A 172 35.06 55.12 18.45
N ASP A 173 35.13 55.28 17.12
CA ASP A 173 34.27 56.26 16.46
C ASP A 173 33.36 55.57 15.46
N PHE A 174 32.27 55.02 15.98
CA PHE A 174 31.43 54.14 15.21
C PHE A 174 30.20 54.80 14.70
N THR A 175 29.99 54.74 13.39
CA THR A 175 28.72 55.15 12.86
C THR A 175 28.04 54.01 12.08
N ALA A 176 26.79 53.77 12.41
CA ALA A 176 26.00 52.67 11.89
C ALA A 176 25.65 52.90 10.45
N THR A 177 25.67 51.84 9.65
CA THR A 177 25.24 51.90 8.26
C THR A 177 24.30 50.76 7.93
N PRO A 178 23.08 50.77 8.51
CA PRO A 178 22.04 49.79 8.22
C PRO A 178 21.65 49.85 6.76
N SER A 179 21.22 48.73 6.18
CA SER A 179 20.80 48.74 4.78
C SER A 179 19.61 49.68 4.67
N PRO A 180 19.32 50.20 3.47
CA PRO A 180 18.10 50.97 3.36
C PRO A 180 16.89 50.20 3.88
N ALA A 181 15.86 50.93 4.38
CA ALA A 181 14.70 50.30 5.02
C ALA A 181 13.88 49.41 4.09
N ASP A 182 13.95 49.68 2.80
CA ASP A 182 13.24 48.89 1.80
C ASP A 182 14.14 47.82 1.16
N GLU A 183 15.28 47.57 1.75
CA GLU A 183 16.15 46.49 1.30
C GLU A 183 16.17 45.46 2.43
N VAL A 184 16.92 44.38 2.21
CA VAL A 184 16.92 43.26 3.07
C VAL A 184 17.68 43.57 4.37
N ALA A 185 17.00 43.32 5.48
CA ALA A 185 17.64 43.34 6.79
C ALA A 185 18.11 41.95 7.25
N TYR A 186 17.27 40.93 7.11
CA TYR A 186 17.73 39.57 7.38
C TYR A 186 16.91 38.49 6.73
N PHE A 187 17.36 37.25 6.93
CA PHE A 187 16.78 36.06 6.33
C PHE A 187 16.13 35.23 7.43
N GLN A 188 14.90 34.85 7.20
CA GLN A 188 14.25 33.93 8.04
C GLN A 188 14.28 32.59 7.37
N LEU A 189 14.09 31.55 8.15
CA LEU A 189 13.99 30.17 7.63
C LEU A 189 12.58 29.70 7.46
N SER A 190 12.24 29.08 6.33
CA SER A 190 10.92 28.47 6.20
C SER A 190 10.88 27.15 6.98
N GLY A 191 9.66 26.73 7.34
CA GLY A 191 9.39 25.39 7.88
C GLY A 191 10.02 24.33 7.03
N GLY A 192 9.75 24.36 5.73
CA GLY A 192 10.34 23.41 4.82
C GLY A 192 9.22 22.60 4.18
N THR A 193 9.12 22.71 2.86
CA THR A 193 8.25 21.84 2.08
C THR A 193 9.04 21.06 1.04
N THR A 194 10.35 21.26 0.97
CA THR A 194 11.15 20.70 -0.12
C THR A 194 12.42 20.09 0.41
N GLY A 195 13.19 19.45 -0.48
CA GLY A 195 14.44 18.80 -0.11
C GLY A 195 15.57 19.71 0.28
N THR A 196 15.46 20.99 -0.01
CA THR A 196 16.49 21.93 0.41
C THR A 196 15.82 23.11 1.12
N PRO A 197 16.48 23.66 2.11
CA PRO A 197 15.87 24.74 2.86
C PRO A 197 15.65 25.97 2.01
N LYS A 198 14.58 26.68 2.31
CA LYS A 198 14.27 27.93 1.63
C LYS A 198 14.37 29.16 2.60
N LEU A 199 14.98 30.22 2.10
CA LEU A 199 15.22 31.44 2.91
C LEU A 199 14.23 32.54 2.57
N ILE A 200 13.83 33.27 3.59
CA ILE A 200 12.83 34.29 3.41
C ILE A 200 13.43 35.66 3.68
N PRO A 201 13.65 36.44 2.61
CA PRO A 201 14.17 37.79 2.81
C PRO A 201 13.16 38.66 3.54
N ARG A 202 13.64 39.41 4.52
CA ARG A 202 12.82 40.29 5.25
C ARG A 202 13.47 41.65 5.21
N THR A 203 12.71 42.62 4.68
CA THR A 203 13.12 44.00 4.67
C THR A 203 12.79 44.63 6.01
N HIS A 204 13.52 45.71 6.36
CA HIS A 204 13.25 46.53 7.56
C HIS A 204 11.78 46.99 7.67
N ASN A 205 11.26 47.60 6.59
CA ASN A 205 9.90 48.09 6.55
C ASN A 205 8.89 47.02 6.91
N ASP A 206 9.13 45.82 6.38
CA ASP A 206 8.12 44.84 6.40
C ASP A 206 8.20 44.12 7.77
N TYR A 207 9.41 43.82 8.21
CA TYR A 207 9.57 43.15 9.50
C TYR A 207 9.21 44.07 10.68
N TYR A 208 9.59 45.35 10.59
CA TYR A 208 9.36 46.31 11.67
C TYR A 208 7.89 46.50 11.84
N TYR A 209 7.18 46.58 10.72
CA TYR A 209 5.73 46.66 10.78
C TYR A 209 5.09 45.47 11.50
N SER A 210 5.61 44.26 11.30
CA SER A 210 4.97 43.09 11.86
C SER A 210 5.23 43.13 13.38
N VAL A 211 6.43 43.57 13.76
CA VAL A 211 6.74 43.74 15.19
C VAL A 211 5.90 44.82 15.86
N ARG A 212 5.83 45.99 15.25
CA ARG A 212 5.10 47.15 15.79
C ARG A 212 3.58 46.91 15.93
N ARG A 213 3.01 46.26 14.93
CA ARG A 213 1.61 45.94 14.95
C ARG A 213 1.31 44.84 15.97
N SER A 214 2.20 43.88 16.11
CA SER A 214 2.01 42.84 17.11
C SER A 214 2.06 43.47 18.50
N VAL A 215 3.00 44.40 18.72
CA VAL A 215 3.04 45.18 19.97
C VAL A 215 1.74 45.87 20.31
N GLU A 216 1.05 46.44 19.32
CA GLU A 216 -0.26 47.12 19.59
C GLU A 216 -1.29 46.09 20.00
N ILE A 217 -1.41 45.03 19.20
CA ILE A 217 -2.37 43.96 19.47
C ILE A 217 -2.14 43.33 20.85
N CYS A 218 -0.88 43.10 21.22
CA CYS A 218 -0.58 42.42 22.49
C CYS A 218 -0.38 43.40 23.63
N GLN A 219 -0.52 44.70 23.33
CA GLN A 219 -0.44 45.72 24.35
C GLN A 219 0.82 45.65 25.22
N PHE A 220 1.96 45.42 24.59
CA PHE A 220 3.23 45.41 25.30
C PHE A 220 3.67 46.84 25.66
N THR A 221 4.27 46.99 26.81
CA THR A 221 4.77 48.30 27.24
C THR A 221 6.05 48.05 28.01
N GLN A 222 6.52 49.04 28.75
CA GLN A 222 7.67 48.87 29.65
C GLN A 222 7.42 47.90 30.80
N GLN A 223 6.15 47.57 31.06
CA GLN A 223 5.73 46.60 32.09
C GLN A 223 5.88 45.16 31.62
N THR A 224 6.01 44.95 30.33
CA THR A 224 6.12 43.63 29.80
C THR A 224 7.39 42.95 30.32
N ARG A 225 7.19 41.79 30.91
CA ARG A 225 8.27 40.88 31.30
C ARG A 225 7.97 39.56 30.61
N TYR A 226 8.72 39.32 29.52
CA TYR A 226 8.45 38.29 28.54
C TYR A 226 9.41 37.12 28.66
N LEU A 227 8.90 35.91 28.90
CA LEU A 227 9.77 34.73 28.97
C LEU A 227 9.96 34.16 27.57
N CYS A 228 11.21 34.16 27.10
CA CYS A 228 11.52 33.62 25.78
C CYS A 228 12.20 32.30 26.07
N ALA A 229 11.47 31.21 25.88
CA ALA A 229 11.91 29.88 26.28
C ALA A 229 11.95 28.91 25.14
N ILE A 230 11.06 29.07 24.17
CA ILE A 230 11.23 28.37 22.92
C ILE A 230 12.50 28.97 22.25
N PRO A 231 13.08 28.27 21.25
CA PRO A 231 14.28 28.75 20.55
C PRO A 231 14.11 30.17 20.06
N ALA A 232 15.02 31.01 20.53
CA ALA A 232 14.83 32.45 20.54
C ALA A 232 14.89 33.05 19.19
N ALA A 233 15.49 32.34 18.23
CA ALA A 233 15.72 32.88 16.90
C ALA A 233 14.65 32.47 15.90
N HIS A 234 13.61 31.78 16.36
CA HIS A 234 12.48 31.47 15.51
C HIS A 234 11.58 32.70 15.49
N GLY A 235 10.83 32.93 14.40
CA GLY A 235 10.05 34.17 14.26
C GLY A 235 8.95 34.40 15.30
N TYR A 236 8.28 33.35 15.75
CA TYR A 236 7.28 33.46 16.80
C TYR A 236 7.94 34.05 18.04
N ALA A 237 9.17 33.64 18.35
CA ALA A 237 9.88 34.15 19.54
C ALA A 237 10.48 35.49 19.32
N MET A 238 10.74 35.81 18.09
CA MET A 238 11.52 36.98 17.74
C MET A 238 10.63 38.20 17.47
N SER A 239 9.42 37.98 16.93
CA SER A 239 8.65 39.06 16.31
C SER A 239 7.10 39.05 16.39
N SER A 240 6.51 38.14 17.18
CA SER A 240 5.08 37.99 17.15
C SER A 240 4.44 37.98 18.52
N PRO A 241 4.63 39.04 19.30
CA PRO A 241 5.55 40.18 19.12
C PRO A 241 7.01 39.89 19.45
N GLY A 242 7.24 38.91 20.31
CA GLY A 242 8.55 38.35 20.52
C GLY A 242 9.51 39.30 21.23
N SER A 243 10.78 38.94 21.23
CA SER A 243 11.75 39.70 21.87
C SER A 243 11.93 41.10 21.31
N LEU A 244 11.79 41.22 20.00
CA LEU A 244 11.93 42.48 19.36
C LEU A 244 10.76 43.38 19.74
N GLY A 245 9.57 42.84 19.82
CA GLY A 245 8.44 43.62 20.30
C GLY A 245 8.65 44.10 21.74
N VAL A 246 9.26 43.26 22.57
CA VAL A 246 9.55 43.61 23.94
C VAL A 246 10.55 44.79 24.01
N PHE A 247 11.59 44.71 23.20
CA PHE A 247 12.56 45.78 23.12
C PHE A 247 11.91 47.06 22.56
N LEU A 248 11.06 46.89 21.58
CA LEU A 248 10.41 48.06 21.00
C LEU A 248 9.72 48.81 22.12
N ALA A 249 8.96 48.07 22.91
CA ALA A 249 8.16 48.62 23.99
C ALA A 249 8.95 48.94 25.23
N GLY A 250 10.23 48.65 25.25
CA GLY A 250 11.06 48.95 26.44
C GLY A 250 10.88 48.01 27.65
N GLY A 251 10.24 46.86 27.44
CA GLY A 251 10.11 45.86 28.51
C GLY A 251 11.33 45.01 28.81
N THR A 252 11.10 43.84 29.36
CA THR A 252 12.21 42.96 29.68
C THR A 252 12.01 41.54 29.14
N VAL A 253 13.05 41.04 28.52
CA VAL A 253 13.08 39.67 28.05
C VAL A 253 13.86 38.83 29.02
N VAL A 254 13.22 37.77 29.49
CA VAL A 254 13.85 36.74 30.33
C VAL A 254 14.11 35.49 29.45
N LEU A 255 15.35 35.06 29.36
CA LEU A 255 15.71 33.94 28.55
C LEU A 255 15.77 32.68 29.38
N ALA A 256 15.31 31.58 28.81
CA ALA A 256 15.38 30.27 29.39
C ALA A 256 15.89 29.34 28.27
N ALA A 257 16.62 28.29 28.65
CA ALA A 257 17.26 27.41 27.65
C ALA A 257 16.24 26.57 26.94
N ASP A 258 15.17 26.18 27.64
CA ASP A 258 14.07 25.46 27.04
C ASP A 258 12.75 25.71 27.78
N PRO A 259 11.64 25.22 27.21
CA PRO A 259 10.30 25.40 27.77
C PRO A 259 9.87 24.47 28.92
N SER A 260 10.81 23.79 29.56
CA SER A 260 10.42 22.93 30.68
C SER A 260 9.95 23.73 31.93
N ALA A 261 8.92 23.17 32.55
CA ALA A 261 8.41 23.62 33.79
C ALA A 261 9.52 23.75 34.80
N THR A 262 10.43 22.79 34.79
CA THR A 262 11.52 22.78 35.79
C THR A 262 12.33 24.09 35.74
N LEU A 263 12.57 24.59 34.55
CA LEU A 263 13.38 25.80 34.34
C LEU A 263 12.49 27.04 34.48
N CYS A 264 11.34 26.99 33.85
CA CYS A 264 10.47 28.14 33.68
C CYS A 264 9.56 28.50 34.84
N PHE A 265 9.04 27.52 35.57
CA PHE A 265 8.17 27.89 36.71
C PHE A 265 8.96 28.81 37.67
N PRO A 266 10.20 28.46 37.95
CA PRO A 266 11.03 29.34 38.81
C PRO A 266 11.37 30.70 38.23
N LEU A 267 11.63 30.78 36.93
CA LEU A 267 11.97 32.05 36.31
C LEU A 267 10.75 32.95 36.30
N ILE A 268 9.57 32.37 36.20
CA ILE A 268 8.34 33.16 36.14
C ILE A 268 8.05 33.80 37.47
N GLU A 269 8.21 33.05 38.53
CA GLU A 269 7.99 33.58 39.88
C GLU A 269 9.01 34.61 40.22
N LYS A 270 10.28 34.27 40.02
CA LYS A 270 11.45 35.10 40.39
C LYS A 270 11.44 36.49 39.77
N HIS A 271 11.16 36.55 38.47
CA HIS A 271 11.18 37.77 37.66
C HIS A 271 9.79 38.34 37.36
N GLN A 272 8.74 37.72 37.90
CA GLN A 272 7.39 38.26 37.75
C GLN A 272 7.04 38.37 36.26
N VAL A 273 7.29 37.31 35.51
CA VAL A 273 6.97 37.27 34.10
C VAL A 273 5.47 37.44 33.94
N ASN A 274 5.04 38.18 32.93
CA ASN A 274 3.63 38.36 32.69
C ASN A 274 3.17 37.93 31.32
N VAL A 275 4.12 37.61 30.43
CA VAL A 275 3.76 36.98 29.17
C VAL A 275 4.82 35.99 28.70
N THR A 276 4.37 34.93 28.05
CA THR A 276 5.26 34.00 27.40
C THR A 276 4.58 33.33 26.22
N ALA A 277 5.37 32.55 25.47
CA ALA A 277 4.97 31.94 24.23
C ALA A 277 5.36 30.50 24.20
N LEU A 278 4.39 29.64 23.91
CA LEU A 278 4.61 28.21 23.95
C LEU A 278 4.06 27.63 22.70
N VAL A 279 4.43 26.37 22.47
CA VAL A 279 3.80 25.51 21.48
C VAL A 279 2.92 24.57 22.27
N PRO A 280 1.93 23.89 21.64
CA PRO A 280 0.96 23.08 22.41
C PRO A 280 1.52 22.08 23.40
N PRO A 281 2.54 21.32 22.98
CA PRO A 281 2.98 20.28 23.93
C PRO A 281 3.53 20.85 25.19
N ALA A 282 4.20 22.01 25.11
CA ALA A 282 4.76 22.65 26.28
C ALA A 282 3.64 22.99 27.23
N VAL A 283 2.52 23.39 26.64
CA VAL A 283 1.36 23.70 27.42
C VAL A 283 0.88 22.44 28.16
N SER A 284 0.75 21.30 27.46
CA SER A 284 0.30 20.08 28.19
C SER A 284 1.23 19.72 29.32
N LEU A 285 2.54 19.82 29.06
CA LEU A 285 3.54 19.46 30.04
C LEU A 285 3.47 20.38 31.26
N TRP A 286 3.16 21.67 31.04
CA TRP A 286 3.02 22.59 32.17
C TRP A 286 1.83 22.22 33.02
N LEU A 287 0.73 21.90 32.37
CA LEU A 287 -0.50 21.58 33.04
C LEU A 287 -0.33 20.29 33.79
N GLN A 288 0.42 19.39 33.21
CA GLN A 288 0.62 18.11 33.88
C GLN A 288 1.59 18.30 35.04
N ALA A 289 2.51 19.22 34.90
CA ALA A 289 3.40 19.51 36.01
C ALA A 289 2.59 20.04 37.20
N LEU A 290 1.65 20.93 36.92
CA LEU A 290 0.74 21.41 37.99
C LEU A 290 -0.08 20.27 38.62
N ILE A 291 -0.55 19.34 37.82
CA ILE A 291 -1.28 18.19 38.32
C ILE A 291 -0.42 17.33 39.19
N GLU A 292 0.86 17.21 38.82
CA GLU A 292 1.81 16.45 39.64
C GLU A 292 2.33 17.20 40.90
N GLY A 293 1.75 18.37 41.21
CA GLY A 293 2.04 19.10 42.43
C GLY A 293 2.81 20.45 42.42
N GLU A 294 3.22 20.97 41.26
CA GLU A 294 3.87 22.27 41.28
C GLU A 294 2.84 23.29 41.73
N SER A 295 3.24 24.26 42.59
CA SER A 295 2.29 25.25 43.00
C SER A 295 1.95 26.19 41.87
N ARG A 296 0.65 26.30 41.63
CA ARG A 296 0.06 27.23 40.69
C ARG A 296 0.50 28.70 41.00
N ALA A 297 0.85 29.03 42.24
CA ALA A 297 1.21 30.40 42.63
C ALA A 297 2.50 30.90 41.98
N GLN A 298 3.36 29.96 41.58
CA GLN A 298 4.61 30.32 40.85
C GLN A 298 4.27 31.06 39.57
N LEU A 299 3.06 30.83 39.06
CA LEU A 299 2.55 31.43 37.81
C LEU A 299 1.59 32.62 38.00
N ALA A 300 1.41 33.11 39.23
CA ALA A 300 0.43 34.21 39.50
C ALA A 300 0.65 35.41 38.59
N SER A 301 1.90 35.87 38.46
CA SER A 301 2.21 37.04 37.64
C SER A 301 1.90 36.91 36.14
N LEU A 302 1.68 35.70 35.69
CA LEU A 302 1.40 35.44 34.29
C LEU A 302 0.03 35.96 33.93
N LYS A 303 -0.02 36.83 32.93
CA LYS A 303 -1.25 37.47 32.49
C LYS A 303 -1.67 37.01 31.10
N LEU A 304 -0.71 36.79 30.23
CA LEU A 304 -1.00 36.32 28.88
C LEU A 304 -0.08 35.17 28.50
N LEU A 305 -0.67 34.10 27.97
CA LEU A 305 0.08 32.99 27.40
C LEU A 305 -0.28 32.83 25.94
N GLN A 306 0.70 32.98 25.05
CA GLN A 306 0.42 32.74 23.63
C GLN A 306 0.75 31.30 23.32
N VAL A 307 -0.08 30.67 22.49
CA VAL A 307 0.16 29.32 21.96
C VAL A 307 0.07 29.36 20.44
N GLY A 308 1.07 28.79 19.78
CA GLY A 308 1.12 28.73 18.34
C GLY A 308 2.18 27.78 17.83
N GLY A 309 2.38 27.81 16.54
CA GLY A 309 3.29 26.85 15.91
C GLY A 309 2.56 25.62 15.37
N ALA A 310 1.60 25.14 16.13
CA ALA A 310 0.71 24.04 15.69
C ALA A 310 -0.63 24.31 16.34
N ARG A 311 -1.63 23.53 15.93
CA ARG A 311 -2.99 23.78 16.40
C ARG A 311 -3.19 23.34 17.85
N LEU A 312 -3.69 24.28 18.64
CA LEU A 312 -4.12 24.03 19.98
C LEU A 312 -5.53 23.45 19.96
N SER A 313 -5.72 22.27 20.54
CA SER A 313 -7.09 21.70 20.69
C SER A 313 -7.91 22.59 21.62
N ALA A 314 -9.20 22.63 21.38
CA ALA A 314 -10.13 23.39 22.23
C ALA A 314 -10.13 22.88 23.65
N THR A 315 -9.98 21.58 23.81
CA THR A 315 -10.00 21.00 25.14
C THR A 315 -8.86 21.62 25.95
N LEU A 316 -7.69 21.56 25.35
CA LEU A 316 -6.45 22.03 25.95
C LEU A 316 -6.48 23.54 26.16
N ALA A 317 -6.97 24.25 25.14
CA ALA A 317 -7.15 25.68 25.27
C ALA A 317 -7.98 26.08 26.47
N ALA A 318 -9.09 25.38 26.66
CA ALA A 318 -10.05 25.75 27.75
C ALA A 318 -9.39 25.63 29.08
N ARG A 319 -8.48 24.65 29.21
CA ARG A 319 -7.80 24.41 30.49
C ARG A 319 -6.83 25.53 30.89
N ILE A 320 -6.51 26.44 29.99
CA ILE A 320 -5.53 27.46 30.32
C ILE A 320 -6.08 28.49 31.33
N PRO A 321 -7.21 29.12 31.03
CA PRO A 321 -7.69 30.07 32.02
C PRO A 321 -8.08 29.36 33.28
N ALA A 322 -8.72 28.21 33.14
CA ALA A 322 -9.06 27.37 34.31
C ALA A 322 -7.84 26.93 35.15
N GLU A 323 -6.97 26.07 34.61
CA GLU A 323 -5.87 25.52 35.38
C GLU A 323 -4.65 26.44 35.58
N ILE A 324 -4.42 27.43 34.71
CA ILE A 324 -3.32 28.36 34.91
C ILE A 324 -3.74 29.75 35.35
N GLY A 325 -4.89 30.24 34.89
CA GLY A 325 -5.46 31.50 35.40
C GLY A 325 -5.06 32.78 34.70
N CYS A 326 -4.39 32.65 33.55
CA CYS A 326 -4.05 33.79 32.69
C CYS A 326 -4.94 33.72 31.45
N GLN A 327 -4.87 34.74 30.60
CA GLN A 327 -5.53 34.61 29.33
C GLN A 327 -4.66 33.89 28.26
N LEU A 328 -5.39 33.25 27.34
CA LEU A 328 -4.84 32.65 26.16
C LEU A 328 -4.85 33.62 24.94
N GLN A 329 -3.81 33.56 24.13
CA GLN A 329 -3.85 34.12 22.78
C GLN A 329 -3.38 33.05 21.81
N GLN A 330 -4.20 32.71 20.83
CA GLN A 330 -3.74 31.78 19.83
C GLN A 330 -2.98 32.55 18.77
N VAL A 331 -1.87 31.99 18.32
CA VAL A 331 -1.07 32.66 17.34
C VAL A 331 -0.86 31.69 16.20
N PHE A 332 -1.33 32.07 15.01
CA PHE A 332 -1.20 31.24 13.81
C PHE A 332 -0.46 32.03 12.75
N GLY A 333 0.85 31.76 12.71
CA GLY A 333 1.75 32.52 11.92
C GLY A 333 2.68 31.64 11.14
N MET A 334 3.46 32.30 10.28
CA MET A 334 4.43 31.66 9.42
C MET A 334 5.58 32.61 9.15
N ALA A 335 6.76 32.04 8.94
CA ALA A 335 7.97 32.87 8.72
C ALA A 335 7.88 33.68 7.41
N GLU A 336 7.13 33.17 6.46
CA GLU A 336 6.88 33.83 5.19
C GLU A 336 6.15 35.18 5.38
N GLY A 337 5.44 35.33 6.51
CA GLY A 337 4.70 36.56 6.80
C GLY A 337 3.48 36.44 7.71
N LEU A 338 2.29 36.55 7.13
CA LEU A 338 0.99 36.43 7.80
C LEU A 338 0.99 35.84 9.23
N VAL A 339 0.55 36.65 10.19
CA VAL A 339 0.33 36.18 11.52
C VAL A 339 -1.08 36.57 11.91
N ASN A 340 -1.85 35.57 12.32
CA ASN A 340 -3.19 35.74 12.83
C ASN A 340 -3.15 35.64 14.35
N TYR A 341 -3.88 36.54 15.01
CA TYR A 341 -3.98 36.59 16.46
C TYR A 341 -5.44 36.54 16.85
N THR A 342 -5.76 35.89 17.96
CA THR A 342 -7.01 36.17 18.64
C THR A 342 -6.69 37.44 19.45
N ARG A 343 -7.69 38.28 19.72
CA ARG A 343 -7.38 39.55 20.35
C ARG A 343 -7.62 39.42 21.85
N LEU A 344 -7.03 40.34 22.62
CA LEU A 344 -7.21 40.37 24.06
C LEU A 344 -8.62 40.69 24.52
N ASP A 345 -9.44 41.28 23.66
CA ASP A 345 -10.85 41.51 24.01
C ASP A 345 -11.80 40.58 23.25
N ASP A 346 -11.30 39.48 22.70
CA ASP A 346 -12.16 38.55 21.99
C ASP A 346 -13.02 37.78 23.03
N SER A 347 -14.20 37.32 22.60
CA SER A 347 -15.02 36.38 23.35
C SER A 347 -14.24 35.09 23.63
N ALA A 348 -14.59 34.38 24.70
CA ALA A 348 -14.03 33.05 24.96
C ALA A 348 -14.23 32.08 23.79
N GLU A 349 -15.35 32.18 23.11
CA GLU A 349 -15.60 31.26 22.02
C GLU A 349 -14.53 31.40 20.94
N LYS A 350 -14.14 32.61 20.62
CA LYS A 350 -13.16 32.80 19.53
C LYS A 350 -11.73 32.42 19.95
N ILE A 351 -11.39 32.67 21.22
CA ILE A 351 -10.08 32.39 21.77
C ILE A 351 -9.84 30.90 21.87
N ILE A 352 -10.89 30.16 22.16
CA ILE A 352 -10.78 28.71 22.37
C ILE A 352 -10.88 27.90 21.09
N HIS A 353 -11.71 28.31 20.15
CA HIS A 353 -12.01 27.46 18.98
C HIS A 353 -11.36 27.90 17.65
N THR A 354 -10.82 29.13 17.59
CA THR A 354 -10.24 29.64 16.35
C THR A 354 -8.80 30.05 16.50
N GLN A 355 -8.14 30.23 15.36
CA GLN A 355 -6.77 30.76 15.33
C GLN A 355 -6.73 32.26 15.01
N GLY A 356 -7.82 32.98 15.30
CA GLY A 356 -7.82 34.43 15.29
C GLY A 356 -8.01 34.99 13.88
N TYR A 357 -7.48 36.20 13.64
CA TYR A 357 -7.51 36.83 12.29
C TYR A 357 -6.28 37.72 12.06
N PRO A 358 -6.03 38.13 10.79
CA PRO A 358 -4.77 38.74 10.48
C PRO A 358 -4.49 40.01 11.24
N MET A 359 -3.21 40.22 11.56
CA MET A 359 -2.81 41.41 12.28
C MET A 359 -3.13 42.69 11.50
N CYS A 360 -3.03 42.64 10.20
CA CYS A 360 -3.15 43.87 9.39
C CYS A 360 -4.49 43.87 8.67
N PRO A 361 -5.15 45.05 8.60
CA PRO A 361 -6.46 45.14 7.89
C PRO A 361 -6.29 44.93 6.43
N ASP A 362 -5.09 45.17 5.92
CA ASP A 362 -4.73 44.90 4.53
C ASP A 362 -3.93 43.65 4.31
N ASP A 363 -3.93 42.75 5.30
CA ASP A 363 -3.59 41.38 5.00
C ASP A 363 -4.78 40.84 4.18
N GLU A 364 -4.51 40.32 3.01
CA GLU A 364 -5.59 39.76 2.17
C GLU A 364 -5.50 38.23 2.22
N VAL A 365 -6.57 37.62 2.69
CA VAL A 365 -6.61 36.20 2.88
C VAL A 365 -7.84 35.62 2.19
N TRP A 366 -7.64 34.68 1.28
CA TRP A 366 -8.77 33.97 0.70
C TRP A 366 -8.49 32.46 0.63
N VAL A 367 -9.54 31.69 0.45
CA VAL A 367 -9.45 30.24 0.49
C VAL A 367 -9.71 29.65 -0.89
N ALA A 368 -8.77 28.86 -1.39
CA ALA A 368 -8.78 28.38 -2.76
C ALA A 368 -9.13 26.93 -2.79
N ASP A 369 -9.73 26.48 -3.89
CA ASP A 369 -9.92 25.07 -4.16
C ASP A 369 -8.70 24.60 -4.94
N ALA A 370 -8.72 23.32 -5.32
CA ALA A 370 -7.61 22.65 -5.99
C ALA A 370 -7.09 23.33 -7.25
N GLU A 371 -7.95 23.99 -8.02
CA GLU A 371 -7.49 24.62 -9.28
C GLU A 371 -7.33 26.15 -9.20
N GLY A 372 -7.32 26.70 -7.98
CA GLY A 372 -7.09 28.14 -7.81
C GLY A 372 -8.34 29.04 -7.68
N ASN A 373 -9.54 28.49 -7.50
CA ASN A 373 -10.73 29.33 -7.43
C ASN A 373 -11.18 29.66 -6.00
N PRO A 374 -11.66 30.90 -5.76
CA PRO A 374 -12.15 31.22 -4.41
C PRO A 374 -13.28 30.30 -3.96
N LEU A 375 -13.38 30.03 -2.67
CA LEU A 375 -14.47 29.27 -2.11
C LEU A 375 -15.24 30.18 -1.17
N PRO A 376 -16.56 30.00 -1.06
CA PRO A 376 -17.31 30.83 -0.12
C PRO A 376 -16.98 30.50 1.33
N GLN A 377 -17.32 31.44 2.23
CA GLN A 377 -16.88 31.28 3.61
C GLN A 377 -17.52 30.06 4.17
N GLY A 378 -16.86 29.45 5.13
CA GLY A 378 -17.30 28.22 5.73
C GLY A 378 -16.67 27.03 5.04
N GLU A 379 -16.36 27.13 3.74
CA GLU A 379 -15.71 26.07 3.00
C GLU A 379 -14.22 25.92 3.34
N VAL A 380 -13.73 24.68 3.24
CA VAL A 380 -12.36 24.34 3.64
C VAL A 380 -11.50 24.29 2.40
N GLY A 381 -10.36 24.99 2.46
CA GLY A 381 -9.46 25.11 1.33
C GLY A 381 -8.08 25.64 1.64
N ARG A 382 -7.32 25.90 0.59
CA ARG A 382 -5.97 26.34 0.69
C ARG A 382 -5.85 27.80 1.04
N LEU A 383 -5.05 28.12 2.06
CA LEU A 383 -4.79 29.51 2.46
C LEU A 383 -3.97 30.24 1.40
N MET A 384 -4.53 31.34 0.85
CA MET A 384 -3.83 32.20 -0.10
C MET A 384 -3.72 33.60 0.51
N THR A 385 -2.54 34.23 0.43
CA THR A 385 -2.38 35.48 1.11
C THR A 385 -1.28 36.38 0.55
N ARG A 386 -1.54 37.68 0.70
CA ARG A 386 -0.53 38.72 0.50
C ARG A 386 -0.85 39.95 1.39
N GLY A 387 0.18 40.74 1.70
CA GLY A 387 0.03 41.89 2.55
C GLY A 387 1.35 42.59 2.81
N PRO A 388 1.33 43.66 3.60
CA PRO A 388 2.51 44.50 3.83
C PRO A 388 3.73 43.86 4.53
N TYR A 389 3.60 42.73 5.20
CA TYR A 389 4.78 42.03 5.72
C TYR A 389 4.86 40.55 5.25
N THR A 390 4.16 40.20 4.18
CA THR A 390 4.29 38.85 3.60
C THR A 390 5.20 38.93 2.36
N PHE A 391 6.27 38.12 2.37
CA PHE A 391 7.24 38.16 1.30
C PHE A 391 6.60 37.89 -0.11
N ARG A 392 7.42 38.12 -1.12
CA ARG A 392 7.07 37.90 -2.51
C ARG A 392 7.99 36.88 -3.14
N GLY A 393 8.98 36.35 -2.42
CA GLY A 393 9.81 35.32 -3.00
C GLY A 393 10.85 34.81 -2.08
N TYR A 394 11.14 33.52 -2.14
CA TYR A 394 12.25 32.96 -1.38
C TYR A 394 13.54 33.42 -2.03
N TYR A 395 14.62 33.44 -1.29
CA TYR A 395 15.92 33.86 -1.82
C TYR A 395 16.45 32.95 -2.92
N LYS A 396 16.85 33.54 -4.04
CA LYS A 396 17.44 32.77 -5.13
C LYS A 396 16.78 31.44 -5.42
N SER A 397 15.47 31.45 -5.62
CA SER A 397 14.69 30.20 -5.83
C SER A 397 13.61 30.36 -6.88
N PRO A 398 14.02 30.64 -8.12
CA PRO A 398 13.07 30.95 -9.20
C PRO A 398 12.12 29.80 -9.49
N GLN A 399 12.67 28.58 -9.50
CA GLN A 399 11.92 27.37 -9.82
C GLN A 399 10.80 27.27 -8.77
N HIS A 400 11.19 27.32 -7.51
CA HIS A 400 10.24 27.12 -6.44
C HIS A 400 9.32 28.31 -6.28
N ASN A 401 9.85 29.50 -6.55
CA ASN A 401 9.00 30.70 -6.48
C ASN A 401 7.89 30.67 -7.49
N ALA A 402 8.13 30.03 -8.62
CA ALA A 402 7.11 29.91 -9.67
C ALA A 402 5.91 29.13 -9.16
N SER A 403 6.16 28.11 -8.34
CA SER A 403 5.12 27.30 -7.72
C SER A 403 4.42 27.90 -6.52
N ALA A 404 5.16 28.64 -5.71
CA ALA A 404 4.63 29.04 -4.42
C ALA A 404 3.68 30.24 -4.48
N PHE A 405 3.66 30.96 -5.60
CA PHE A 405 2.85 32.16 -5.76
C PHE A 405 1.97 32.05 -6.98
N ASP A 406 0.72 32.50 -6.89
CA ASP A 406 -0.14 32.70 -8.07
C ASP A 406 0.29 33.94 -8.90
N ALA A 407 -0.38 34.16 -10.02
CA ALA A 407 0.01 35.20 -11.00
C ALA A 407 -0.11 36.59 -10.44
N ASN A 408 -1.04 36.75 -9.48
CA ASN A 408 -1.29 38.02 -8.77
C ASN A 408 -0.43 38.24 -7.52
N GLY A 409 0.56 37.37 -7.28
CA GLY A 409 1.44 37.53 -6.11
C GLY A 409 0.93 36.98 -4.77
N PHE A 410 -0.21 36.31 -4.75
CA PHE A 410 -0.67 35.63 -3.54
C PHE A 410 0.25 34.44 -3.28
N TYR A 411 0.68 34.32 -2.03
CA TYR A 411 1.44 33.15 -1.55
C TYR A 411 0.47 32.09 -1.01
N CYS A 412 0.76 30.82 -1.30
CA CYS A 412 -0.06 29.72 -0.78
C CYS A 412 0.69 29.06 0.30
N SER A 413 0.16 29.07 1.52
CA SER A 413 0.95 28.62 2.68
C SER A 413 0.97 27.12 2.87
N GLY A 414 0.19 26.39 2.07
CA GLY A 414 0.18 24.92 2.14
C GLY A 414 -0.75 24.41 3.20
N ASP A 415 -1.45 25.35 3.85
CA ASP A 415 -2.39 25.08 4.93
C ASP A 415 -3.78 25.01 4.40
N LEU A 416 -4.60 24.16 4.99
CA LEU A 416 -6.04 24.15 4.71
C LEU A 416 -6.80 24.82 5.83
N ILE A 417 -7.68 25.75 5.47
CA ILE A 417 -8.39 26.53 6.49
C ILE A 417 -9.83 26.73 6.07
N SER A 418 -10.62 27.13 7.06
CA SER A 418 -11.92 27.69 6.84
C SER A 418 -12.03 29.01 7.65
N ILE A 419 -12.92 29.87 7.18
CA ILE A 419 -13.18 31.15 7.77
C ILE A 419 -14.65 31.17 8.19
N ASP A 420 -14.88 31.46 9.47
CA ASP A 420 -16.10 31.99 10.10
C ASP A 420 -16.88 33.07 9.37
N PRO A 421 -18.19 33.17 9.62
CA PRO A 421 -18.95 34.37 9.24
C PRO A 421 -18.38 35.64 9.86
N GLU A 422 -17.89 35.55 11.10
CA GLU A 422 -17.33 36.72 11.79
C GLU A 422 -15.91 37.08 11.30
N GLY A 423 -15.31 36.24 10.46
CA GLY A 423 -14.05 36.59 9.82
C GLY A 423 -12.79 35.91 10.39
N TYR A 424 -12.98 35.01 11.36
CA TYR A 424 -11.93 34.27 12.01
C TYR A 424 -11.52 32.96 11.28
N ILE A 425 -10.23 32.65 11.33
CA ILE A 425 -9.62 31.50 10.68
C ILE A 425 -9.53 30.30 11.63
N THR A 426 -9.90 29.12 11.11
CA THR A 426 -9.64 27.86 11.78
C THR A 426 -8.79 27.00 10.87
N VAL A 427 -7.72 26.41 11.44
CA VAL A 427 -6.80 25.52 10.69
C VAL A 427 -7.35 24.12 10.78
N GLN A 428 -7.59 23.54 9.60
CA GLN A 428 -8.33 22.27 9.39
C GLN A 428 -7.47 21.16 8.87
N GLY A 429 -6.34 21.47 8.27
CA GLY A 429 -5.44 20.42 7.81
C GLY A 429 -4.27 21.01 7.05
N ARG A 430 -3.65 20.19 6.20
CA ARG A 430 -2.44 20.56 5.55
C ARG A 430 -2.26 19.87 4.22
N GLU A 431 -1.71 20.61 3.26
CA GLU A 431 -1.43 20.09 1.94
C GLU A 431 0.10 19.92 1.75
N LYS A 432 0.88 20.84 2.28
CA LYS A 432 2.34 20.79 2.11
C LYS A 432 2.95 19.55 2.75
N ASP A 433 3.99 19.00 2.11
CA ASP A 433 4.52 17.71 2.52
C ASP A 433 5.44 17.90 3.74
N GLN A 434 4.78 18.15 4.88
CA GLN A 434 5.48 18.61 6.04
C GLN A 434 4.90 18.02 7.33
N ILE A 435 5.80 17.60 8.23
CA ILE A 435 5.41 17.14 9.56
C ILE A 435 5.62 18.25 10.58
N ASN A 436 4.56 18.51 11.32
CA ASN A 436 4.55 19.49 12.38
C ASN A 436 4.62 18.71 13.68
N ARG A 437 5.84 18.55 14.18
CA ARG A 437 6.15 17.77 15.38
C ARG A 437 6.25 18.70 16.58
N GLY A 438 5.12 18.89 17.24
CA GLY A 438 5.03 19.78 18.37
C GLY A 438 5.34 21.25 18.08
N GLY A 439 5.15 21.67 16.82
CA GLY A 439 5.51 23.02 16.37
C GLY A 439 6.75 23.12 15.49
N GLU A 440 7.68 22.18 15.63
CA GLU A 440 8.88 22.12 14.80
C GLU A 440 8.57 21.38 13.49
N LYS A 441 9.17 21.86 12.41
CA LYS A 441 8.77 21.57 11.06
C LYS A 441 9.81 20.72 10.37
N ILE A 442 9.33 19.68 9.70
CA ILE A 442 10.16 18.69 9.10
C ILE A 442 9.66 18.54 7.71
N ALA A 443 10.53 18.84 6.76
CA ALA A 443 10.23 18.69 5.36
C ALA A 443 10.47 17.22 5.02
N ALA A 444 9.37 16.48 4.82
CA ALA A 444 9.43 15.05 4.54
C ALA A 444 10.36 14.64 3.40
N GLU A 445 10.44 15.46 2.37
CA GLU A 445 11.28 15.19 1.21
C GLU A 445 12.75 15.26 1.53
N GLU A 446 13.09 16.18 2.43
CA GLU A 446 14.46 16.30 2.92
C GLU A 446 14.94 15.02 3.54
N ILE A 447 14.13 14.47 4.44
CA ILE A 447 14.47 13.25 5.16
C ILE A 447 14.40 12.01 4.28
N GLU A 448 13.41 11.97 3.38
CA GLU A 448 13.31 10.89 2.40
C GLU A 448 14.50 10.87 1.48
N ASN A 449 14.94 12.00 1.00
CA ASN A 449 16.20 11.98 0.25
C ASN A 449 17.35 11.41 1.03
N LEU A 450 17.44 11.73 2.33
CA LEU A 450 18.55 11.21 3.17
C LEU A 450 18.45 9.70 3.38
N LEU A 451 17.24 9.22 3.64
CA LEU A 451 16.98 7.81 3.75
C LEU A 451 17.37 7.00 2.50
N LEU A 452 17.11 7.51 1.30
CA LEU A 452 17.38 6.76 0.04
C LEU A 452 18.88 6.55 -0.18
N ARG A 453 19.69 7.46 0.37
CA ARG A 453 21.15 7.29 0.47
C ARG A 453 21.63 6.09 1.30
N HIS A 454 20.75 5.46 2.08
CA HIS A 454 21.14 4.27 2.77
C HIS A 454 21.20 3.11 1.77
N PRO A 455 22.32 2.33 1.78
CA PRO A 455 22.53 1.21 0.86
C PRO A 455 21.40 0.23 0.81
N ALA A 456 20.70 0.08 1.93
CA ALA A 456 19.67 -0.96 2.07
C ALA A 456 18.28 -0.49 1.72
N VAL A 457 18.11 0.83 1.58
CA VAL A 457 16.80 1.45 1.36
C VAL A 457 16.51 1.65 -0.13
N ILE A 458 15.44 1.03 -0.58
CA ILE A 458 15.02 1.14 -1.97
C ILE A 458 13.97 2.24 -2.09
N TYR A 459 12.95 2.20 -1.22
CA TYR A 459 11.93 3.23 -1.23
C TYR A 459 11.71 3.75 0.17
N ALA A 460 11.35 5.03 0.24
CA ALA A 460 11.23 5.75 1.51
C ALA A 460 10.05 6.71 1.51
N ALA A 461 9.24 6.60 2.55
CA ALA A 461 8.19 7.57 2.81
C ALA A 461 8.18 8.01 4.27
N LEU A 462 8.11 9.32 4.48
CA LEU A 462 8.03 9.90 5.81
C LEU A 462 6.66 10.52 6.00
N VAL A 463 5.92 10.07 7.01
CA VAL A 463 4.54 10.56 7.20
C VAL A 463 4.35 10.86 8.66
N SER A 464 3.43 11.77 8.96
CA SER A 464 3.15 12.09 10.35
C SER A 464 2.17 11.06 10.90
N MET A 465 2.20 10.83 12.19
CA MET A 465 1.17 10.04 12.81
C MET A 465 0.68 10.76 14.07
N GLU A 466 -0.60 10.62 14.38
CA GLU A 466 -1.19 11.26 15.57
C GLU A 466 -0.35 10.87 16.79
N ASP A 467 -0.10 11.84 17.66
CA ASP A 467 0.55 11.64 18.97
C ASP A 467 -0.15 12.61 19.92
N GLU A 468 -0.43 12.15 21.13
CA GLU A 468 -1.29 12.90 22.03
C GLU A 468 -0.54 14.18 22.49
N LEU A 469 0.69 13.99 22.97
CA LEU A 469 1.54 15.09 23.44
C LEU A 469 1.96 16.07 22.31
N MET A 470 2.67 15.49 21.34
CA MET A 470 3.33 16.24 20.30
C MET A 470 2.43 16.65 19.16
N GLY A 471 1.20 16.12 19.12
CA GLY A 471 0.28 16.36 17.98
C GLY A 471 0.62 15.43 16.82
N GLU A 472 1.84 15.54 16.32
CA GLU A 472 2.31 14.64 15.31
C GLU A 472 3.71 14.17 15.68
N LYS A 473 3.97 12.90 15.37
CA LYS A 473 5.28 12.31 15.47
C LYS A 473 5.58 11.84 14.09
N SER A 474 6.82 11.44 13.82
CA SER A 474 7.17 11.03 12.49
C SER A 474 7.50 9.53 12.43
N CYS A 475 7.11 8.95 11.30
CA CYS A 475 7.33 7.56 11.01
C CYS A 475 7.89 7.37 9.62
N ALA A 476 9.01 6.66 9.51
CA ALA A 476 9.60 6.36 8.24
C ALA A 476 9.19 4.93 7.79
N TYR A 477 8.51 4.87 6.64
CA TYR A 477 8.16 3.60 5.97
C TYR A 477 9.20 3.32 4.91
N LEU A 478 9.86 2.17 5.05
CA LEU A 478 10.98 1.86 4.15
C LEU A 478 10.78 0.54 3.43
N VAL A 479 11.14 0.50 2.17
CA VAL A 479 11.25 -0.77 1.48
C VAL A 479 12.72 -1.03 1.38
N VAL A 480 13.11 -2.20 1.89
CA VAL A 480 14.52 -2.49 2.10
C VAL A 480 15.00 -3.76 1.39
N LYS A 481 16.28 -3.77 1.04
CA LYS A 481 17.01 -4.97 0.58
C LYS A 481 17.27 -6.06 1.65
N GLU A 482 17.28 -5.65 2.92
CA GLU A 482 17.91 -6.43 3.98
C GLU A 482 17.37 -5.99 5.34
N PRO A 483 17.61 -6.78 6.42
CA PRO A 483 17.20 -6.40 7.81
C PRO A 483 17.67 -5.00 8.18
N LEU A 484 16.80 -4.20 8.78
CA LEU A 484 17.16 -2.83 9.12
C LEU A 484 16.38 -2.33 10.31
N ARG A 485 17.05 -2.14 11.42
CA ARG A 485 16.37 -1.70 12.62
C ARG A 485 16.36 -0.18 12.70
N ALA A 486 15.37 0.34 13.43
CA ALA A 486 15.23 1.76 13.64
C ALA A 486 16.51 2.43 14.09
N VAL A 487 17.27 1.78 14.96
CA VAL A 487 18.48 2.43 15.52
C VAL A 487 19.55 2.58 14.45
N GLN A 488 19.49 1.73 13.42
CA GLN A 488 20.43 1.83 12.31
C GLN A 488 20.12 3.03 11.42
N VAL A 489 18.84 3.26 11.18
CA VAL A 489 18.37 4.41 10.44
C VAL A 489 18.75 5.66 11.17
N ARG A 490 18.47 5.66 12.45
CA ARG A 490 18.71 6.84 13.22
C ARG A 490 20.22 7.13 13.31
N ARG A 491 21.04 6.13 13.53
CA ARG A 491 22.48 6.36 13.56
C ARG A 491 22.97 6.92 12.19
N PHE A 492 22.49 6.32 11.10
CA PHE A 492 22.80 6.73 9.79
C PHE A 492 22.43 8.20 9.56
N LEU A 493 21.21 8.60 9.93
CA LEU A 493 20.76 9.97 9.69
C LEU A 493 21.60 10.94 10.52
N ARG A 494 21.87 10.53 11.74
CA ARG A 494 22.68 11.33 12.59
C ARG A 494 24.09 11.53 11.97
N GLU A 495 24.56 10.55 11.20
CA GLU A 495 25.84 10.68 10.53
C GLU A 495 25.75 11.74 9.42
N GLN A 496 24.70 11.68 8.61
CA GLN A 496 24.43 12.74 7.65
C GLN A 496 24.41 14.13 8.28
N GLY A 497 24.14 14.23 9.58
CA GLY A 497 24.20 15.51 10.26
C GLY A 497 22.92 16.34 10.22
N ILE A 498 21.86 15.86 10.83
CA ILE A 498 20.63 16.63 10.89
C ILE A 498 20.20 16.85 12.31
N ALA A 499 19.35 17.82 12.54
CA ALA A 499 18.84 18.10 13.83
C ALA A 499 18.12 16.89 14.44
N GLU A 500 18.17 16.75 15.76
CA GLU A 500 17.60 15.58 16.44
C GLU A 500 16.10 15.45 16.22
N PHE A 501 15.40 16.56 16.27
CA PHE A 501 13.96 16.51 16.14
C PHE A 501 13.49 15.93 14.79
N LYS A 502 14.39 15.86 13.79
CA LYS A 502 14.12 15.29 12.48
C LYS A 502 14.39 13.79 12.28
N LEU A 503 14.90 13.12 13.30
CA LEU A 503 15.04 11.70 13.27
C LEU A 503 13.67 11.09 13.47
N PRO A 504 13.34 10.12 12.65
CA PRO A 504 12.03 9.50 12.79
C PRO A 504 11.80 8.87 14.15
N ASP A 505 10.65 9.19 14.74
CA ASP A 505 10.27 8.60 15.99
C ASP A 505 10.05 7.12 15.83
N ARG A 506 9.68 6.71 14.62
CA ARG A 506 9.32 5.36 14.34
C ARG A 506 9.80 4.93 12.93
N VAL A 507 10.26 3.69 12.84
CA VAL A 507 10.65 3.13 11.56
C VAL A 507 9.98 1.77 11.32
N GLU A 508 9.32 1.60 10.16
CA GLU A 508 8.72 0.31 9.79
C GLU A 508 9.22 -0.13 8.43
N CYS A 509 9.77 -1.33 8.39
CA CYS A 509 10.11 -1.94 7.13
C CYS A 509 8.87 -2.67 6.62
N VAL A 510 8.58 -2.45 5.35
CA VAL A 510 7.37 -2.94 4.79
C VAL A 510 7.76 -3.65 3.50
N ASP A 511 6.92 -4.60 3.08
CA ASP A 511 7.26 -5.44 1.96
C ASP A 511 7.11 -4.64 0.71
N SER A 512 6.18 -3.68 0.72
CA SER A 512 5.94 -2.80 -0.45
C SER A 512 5.42 -1.43 -0.07
N LEU A 513 5.61 -0.50 -0.99
CA LEU A 513 4.96 0.82 -0.96
C LEU A 513 4.43 1.20 -2.34
N PRO A 514 3.28 1.85 -2.40
CA PRO A 514 2.76 2.31 -3.71
C PRO A 514 3.58 3.43 -4.37
N LEU A 515 3.91 3.27 -5.65
CA LEU A 515 4.52 4.33 -6.47
C LEU A 515 3.51 4.95 -7.46
N VAL A 521 6.52 7.77 -4.23
CA VAL A 521 5.60 7.21 -3.20
C VAL A 521 4.28 7.98 -3.04
N ASP A 522 3.16 7.29 -3.25
CA ASP A 522 1.84 7.86 -3.11
C ASP A 522 1.42 7.85 -1.64
N LYS A 523 1.67 8.97 -1.01
CA LYS A 523 1.41 9.06 0.40
C LYS A 523 -0.06 9.06 0.72
N LYS A 524 -0.88 9.65 -0.14
CA LYS A 524 -2.34 9.64 0.10
C LYS A 524 -2.83 8.20 0.24
N GLN A 525 -2.35 7.35 -0.66
CA GLN A 525 -2.78 5.96 -0.67
C GLN A 525 -2.27 5.24 0.58
N LEU A 526 -1.02 5.52 0.93
CA LEU A 526 -0.41 5.00 2.16
C LEU A 526 -1.22 5.30 3.42
N ARG A 527 -1.75 6.51 3.53
CA ARG A 527 -2.57 6.86 4.71
C ARG A 527 -3.75 5.92 4.89
N GLN A 528 -4.26 5.40 3.77
CA GLN A 528 -5.33 4.39 3.80
C GLN A 528 -4.84 2.95 4.02
N ILE B 3 1.99 -37.53 -31.14
CA ILE B 3 1.57 -36.40 -30.21
C ILE B 3 2.62 -36.17 -29.12
N PRO B 4 3.33 -35.05 -29.17
CA PRO B 4 4.54 -34.87 -28.37
C PRO B 4 4.24 -34.51 -26.95
N PHE B 5 4.95 -35.12 -26.01
CA PHE B 5 4.74 -34.91 -24.59
C PHE B 5 5.98 -35.31 -23.84
N THR B 6 6.08 -34.93 -22.57
CA THR B 6 7.32 -35.19 -21.84
C THR B 6 7.22 -36.54 -21.16
N ARG B 7 8.08 -37.47 -21.55
CA ARG B 7 8.05 -38.82 -21.04
C ARG B 7 8.66 -38.84 -19.67
N TRP B 8 8.35 -39.88 -18.91
CA TRP B 8 9.11 -40.13 -17.70
C TRP B 8 10.51 -40.64 -18.11
N PRO B 9 11.55 -40.31 -17.30
CA PRO B 9 12.82 -41.00 -17.54
C PRO B 9 12.60 -42.51 -17.43
N GLU B 10 13.37 -43.24 -18.22
CA GLU B 10 13.24 -44.68 -18.34
C GLU B 10 13.32 -45.44 -17.03
N GLU B 11 14.11 -44.99 -16.07
CA GLU B 11 14.19 -45.70 -14.79
C GLU B 11 12.90 -45.58 -14.00
N PHE B 12 12.21 -44.44 -14.14
CA PHE B 12 10.90 -44.26 -13.52
C PHE B 12 9.85 -45.15 -14.17
N ALA B 13 9.74 -45.11 -15.50
CA ALA B 13 8.78 -45.99 -16.20
C ALA B 13 8.99 -47.44 -15.79
N ARG B 14 10.25 -47.83 -15.72
CA ARG B 14 10.59 -49.21 -15.43
C ARG B 14 10.14 -49.59 -14.03
N ARG B 15 10.44 -48.74 -13.06
CA ARG B 15 9.95 -48.96 -11.69
C ARG B 15 8.40 -49.01 -11.58
N TYR B 16 7.74 -48.08 -12.24
CA TYR B 16 6.31 -47.97 -12.13
C TYR B 16 5.59 -49.17 -12.79
N ARG B 17 6.18 -49.74 -13.82
CA ARG B 17 5.70 -51.02 -14.31
C ARG B 17 6.01 -52.16 -13.31
N GLU B 18 7.20 -52.15 -12.71
CA GLU B 18 7.61 -53.30 -11.86
C GLU B 18 6.72 -53.40 -10.60
N LYS B 19 6.25 -52.24 -10.13
CA LYS B 19 5.31 -52.18 -8.99
C LYS B 19 3.88 -52.35 -9.38
N GLY B 20 3.57 -52.43 -10.68
CA GLY B 20 2.20 -52.70 -11.08
C GLY B 20 1.34 -51.47 -11.28
N TYR B 21 1.88 -50.27 -11.12
CA TYR B 21 1.11 -49.03 -11.30
C TYR B 21 0.71 -48.85 -12.75
N TRP B 22 1.66 -49.08 -13.65
CA TRP B 22 1.48 -48.89 -15.08
C TRP B 22 1.22 -50.24 -15.66
N GLN B 23 -0.01 -50.48 -16.11
CA GLN B 23 -0.43 -51.79 -16.58
C GLN B 23 -0.37 -51.99 -18.07
N ASP B 24 -0.06 -50.94 -18.82
CA ASP B 24 -0.09 -50.93 -20.28
C ASP B 24 -1.41 -51.40 -20.95
N LEU B 25 -2.51 -51.11 -20.29
CA LEU B 25 -3.85 -51.25 -20.83
C LEU B 25 -4.40 -49.87 -21.29
N PRO B 26 -5.23 -49.86 -22.34
CA PRO B 26 -5.85 -48.60 -22.67
C PRO B 26 -7.01 -48.31 -21.75
N LEU B 27 -7.41 -47.04 -21.68
CA LEU B 27 -8.48 -46.57 -20.82
C LEU B 27 -9.80 -47.08 -21.34
N THR B 28 -9.85 -47.50 -22.61
CA THR B 28 -11.08 -48.13 -23.17
C THR B 28 -11.52 -49.36 -22.37
N ASP B 29 -10.56 -50.01 -21.69
CA ASP B 29 -10.78 -51.26 -20.98
C ASP B 29 -11.63 -51.08 -19.73
N ILE B 30 -11.73 -49.82 -19.27
CA ILE B 30 -12.67 -49.42 -18.22
C ILE B 30 -14.12 -49.70 -18.58
N LEU B 31 -14.44 -49.56 -19.85
CA LEU B 31 -15.80 -49.76 -20.37
C LEU B 31 -15.97 -51.16 -20.98
N THR B 32 -14.96 -51.61 -21.71
CA THR B 32 -15.10 -52.80 -22.50
C THR B 32 -15.13 -54.03 -21.60
N ARG B 33 -14.54 -53.98 -20.41
CA ARG B 33 -14.72 -55.12 -19.49
C ARG B 33 -16.21 -55.35 -19.11
N HIS B 34 -17.06 -54.35 -19.29
CA HIS B 34 -18.47 -54.41 -18.91
C HIS B 34 -19.32 -54.45 -20.16
N ALA B 35 -18.69 -54.62 -21.32
CA ALA B 35 -19.42 -54.58 -22.59
C ALA B 35 -20.58 -55.55 -22.68
N ALA B 36 -20.58 -56.61 -21.89
CA ALA B 36 -21.69 -57.54 -21.96
C ALA B 36 -22.72 -57.31 -20.86
N SER B 37 -22.65 -56.20 -20.14
CA SER B 37 -23.48 -56.06 -18.97
C SER B 37 -24.65 -55.14 -19.22
N ASP B 38 -25.79 -55.53 -18.67
CA ASP B 38 -27.01 -54.77 -18.86
C ASP B 38 -27.31 -54.00 -17.62
N SER B 39 -26.42 -54.00 -16.65
CA SER B 39 -26.64 -53.14 -15.48
C SER B 39 -26.49 -51.66 -15.89
N ILE B 40 -27.13 -50.76 -15.15
CA ILE B 40 -27.18 -49.36 -15.54
C ILE B 40 -25.85 -48.64 -15.24
N ALA B 41 -25.26 -48.04 -16.27
CA ALA B 41 -24.03 -47.26 -16.15
C ALA B 41 -24.30 -45.77 -15.93
N VAL B 42 -25.25 -45.21 -16.67
CA VAL B 42 -25.50 -43.78 -16.66
C VAL B 42 -26.99 -43.52 -16.55
N ILE B 43 -27.33 -42.57 -15.69
CA ILE B 43 -28.67 -42.05 -15.62
C ILE B 43 -28.59 -40.57 -15.89
N ASP B 44 -29.33 -40.11 -16.89
CA ASP B 44 -29.34 -38.70 -17.30
C ASP B 44 -30.80 -38.24 -17.48
N GLY B 45 -31.38 -37.59 -16.50
CA GLY B 45 -32.83 -37.32 -16.54
C GLY B 45 -33.67 -38.61 -16.56
N GLU B 46 -34.42 -38.84 -17.61
CA GLU B 46 -35.28 -40.04 -17.71
C GLU B 46 -34.57 -41.19 -18.42
N ARG B 47 -33.43 -40.86 -19.03
CA ARG B 47 -32.64 -41.79 -19.79
C ARG B 47 -31.77 -42.68 -18.89
N GLN B 48 -31.75 -43.97 -19.16
CA GLN B 48 -30.88 -44.90 -18.45
C GLN B 48 -30.12 -45.76 -19.44
N LEU B 49 -28.79 -45.66 -19.44
CA LEU B 49 -27.95 -46.38 -20.37
C LEU B 49 -27.24 -47.50 -19.66
N SER B 50 -27.33 -48.71 -20.21
CA SER B 50 -26.59 -49.83 -19.63
C SER B 50 -25.12 -49.76 -20.05
N TYR B 51 -24.27 -50.56 -19.43
CA TYR B 51 -22.91 -50.71 -19.94
C TYR B 51 -22.93 -51.17 -21.41
N ARG B 52 -23.73 -52.19 -21.74
CA ARG B 52 -23.78 -52.71 -23.10
C ARG B 52 -24.08 -51.57 -24.07
N GLU B 53 -25.12 -50.80 -23.75
CA GLU B 53 -25.53 -49.68 -24.62
C GLU B 53 -24.47 -48.57 -24.73
N LEU B 54 -23.85 -48.24 -23.59
CA LEU B 54 -22.83 -47.22 -23.51
C LEU B 54 -21.64 -47.57 -24.43
N ASN B 55 -21.15 -48.81 -24.32
CA ASN B 55 -20.08 -49.29 -25.19
C ASN B 55 -20.48 -49.34 -26.66
N GLN B 56 -21.71 -49.75 -26.97
CA GLN B 56 -22.21 -49.73 -28.34
C GLN B 56 -22.31 -48.28 -28.88
N ALA B 57 -22.74 -47.37 -28.02
CA ALA B 57 -22.84 -45.95 -28.45
C ALA B 57 -21.46 -45.40 -28.80
N ALA B 58 -20.47 -45.65 -27.95
CA ALA B 58 -19.11 -45.21 -28.23
C ALA B 58 -18.59 -45.80 -29.55
N ASP B 59 -18.83 -47.08 -29.77
CA ASP B 59 -18.41 -47.75 -31.03
C ASP B 59 -19.08 -47.13 -32.25
N ASN B 60 -20.39 -46.92 -32.15
CA ASN B 60 -21.09 -46.27 -33.23
C ASN B 60 -20.46 -44.93 -33.55
N LEU B 61 -20.33 -44.09 -32.53
CA LEU B 61 -19.76 -42.77 -32.71
C LEU B 61 -18.34 -42.83 -33.30
N ALA B 62 -17.55 -43.74 -32.78
CA ALA B 62 -16.17 -43.89 -33.25
C ALA B 62 -16.14 -44.26 -34.70
N CYS B 63 -16.96 -45.24 -35.07
CA CYS B 63 -17.05 -45.75 -36.46
C CYS B 63 -17.49 -44.64 -37.36
N SER B 64 -18.50 -43.91 -36.92
CA SER B 64 -19.03 -42.83 -37.71
C SER B 64 -18.01 -41.73 -37.94
N LEU B 65 -17.24 -41.38 -36.90
CA LEU B 65 -16.16 -40.42 -37.07
C LEU B 65 -15.10 -40.92 -38.02
N ARG B 66 -14.83 -42.22 -37.96
CA ARG B 66 -13.80 -42.85 -38.79
C ARG B 66 -14.20 -42.81 -40.26
N ARG B 67 -15.48 -43.05 -40.52
CA ARG B 67 -16.08 -42.93 -41.84
C ARG B 67 -15.93 -41.48 -42.38
N GLN B 68 -16.07 -40.50 -41.48
CA GLN B 68 -15.91 -39.09 -41.83
C GLN B 68 -14.42 -38.65 -41.99
N GLY B 69 -13.51 -39.57 -41.74
CA GLY B 69 -12.09 -39.38 -42.03
C GLY B 69 -11.17 -38.98 -40.87
N ILE B 70 -11.67 -39.04 -39.63
CA ILE B 70 -10.88 -38.73 -38.44
C ILE B 70 -9.98 -39.92 -38.19
N LYS B 71 -8.75 -39.62 -37.81
CA LYS B 71 -7.69 -40.62 -37.73
C LYS B 71 -6.99 -40.71 -36.36
N PRO B 72 -6.42 -41.88 -36.07
CA PRO B 72 -5.60 -42.02 -34.84
C PRO B 72 -4.48 -41.03 -34.83
N GLY B 73 -4.08 -40.56 -33.66
CA GLY B 73 -3.03 -39.53 -33.55
C GLY B 73 -3.53 -38.11 -33.80
N GLU B 74 -4.80 -37.96 -34.20
CA GLU B 74 -5.38 -36.62 -34.26
C GLU B 74 -5.94 -36.20 -32.92
N THR B 75 -6.16 -34.90 -32.78
CA THR B 75 -6.76 -34.30 -31.61
C THR B 75 -8.17 -33.80 -31.90
N ALA B 76 -8.96 -33.64 -30.82
CA ALA B 76 -10.33 -33.10 -30.88
C ALA B 76 -10.58 -32.09 -29.76
N LEU B 77 -11.49 -31.15 -30.01
CA LEU B 77 -12.01 -30.27 -28.95
C LEU B 77 -13.45 -30.63 -28.66
N VAL B 78 -13.73 -30.91 -27.40
CA VAL B 78 -15.07 -31.33 -27.00
C VAL B 78 -15.62 -30.40 -25.93
N GLN B 79 -16.85 -29.92 -26.14
CA GLN B 79 -17.54 -29.12 -25.11
C GLN B 79 -18.94 -29.66 -24.80
N LEU B 80 -19.04 -30.45 -23.75
CA LEU B 80 -20.31 -30.98 -23.32
C LEU B 80 -20.38 -30.92 -21.82
N GLY B 81 -21.58 -30.64 -21.30
CA GLY B 81 -21.76 -30.50 -19.89
C GLY B 81 -22.09 -31.85 -19.29
N ASN B 82 -23.08 -31.87 -18.40
CA ASN B 82 -23.37 -33.07 -17.64
C ASN B 82 -24.44 -33.87 -18.33
N VAL B 83 -24.05 -34.36 -19.49
CA VAL B 83 -24.92 -35.17 -20.31
C VAL B 83 -24.20 -36.48 -20.62
N ALA B 84 -25.00 -37.52 -20.86
CA ALA B 84 -24.46 -38.89 -21.18
C ALA B 84 -23.55 -38.87 -22.40
N GLU B 85 -23.76 -37.95 -23.31
CA GLU B 85 -22.97 -37.88 -24.51
C GLU B 85 -21.51 -37.45 -24.24
N LEU B 86 -21.25 -36.87 -23.07
CA LEU B 86 -19.88 -36.64 -22.65
C LEU B 86 -19.11 -37.95 -22.61
N TYR B 87 -19.68 -38.93 -21.92
CA TYR B 87 -19.00 -40.17 -21.71
C TYR B 87 -18.92 -41.01 -23.00
N ILE B 88 -20.04 -41.10 -23.72
CA ILE B 88 -20.03 -41.75 -25.04
C ILE B 88 -18.90 -41.16 -25.88
N THR B 89 -18.81 -39.83 -25.94
CA THR B 89 -17.82 -39.16 -26.77
C THR B 89 -16.41 -39.46 -26.28
N PHE B 90 -16.23 -39.47 -24.96
CA PHE B 90 -14.91 -39.70 -24.42
C PHE B 90 -14.46 -41.09 -24.88
N PHE B 91 -15.29 -42.08 -24.63
CA PHE B 91 -14.91 -43.44 -25.02
C PHE B 91 -14.83 -43.67 -26.53
N ALA B 92 -15.66 -42.98 -27.32
CA ALA B 92 -15.48 -43.07 -28.76
C ALA B 92 -14.09 -42.55 -29.22
N LEU B 93 -13.68 -41.40 -28.70
CA LEU B 93 -12.40 -40.83 -29.11
C LEU B 93 -11.23 -41.67 -28.63
N LEU B 94 -11.37 -42.30 -27.48
CA LEU B 94 -10.33 -43.19 -27.00
C LEU B 94 -10.23 -44.39 -27.86
N LYS B 95 -11.37 -44.93 -28.30
CA LYS B 95 -11.35 -46.13 -29.15
C LYS B 95 -10.76 -45.85 -30.51
N LEU B 96 -10.76 -44.58 -30.95
CA LEU B 96 -10.12 -44.19 -32.20
C LEU B 96 -8.63 -43.79 -32.09
N GLY B 97 -8.13 -43.63 -30.87
CA GLY B 97 -6.78 -43.12 -30.71
C GLY B 97 -6.66 -41.62 -31.00
N VAL B 98 -7.72 -40.89 -30.73
CA VAL B 98 -7.78 -39.43 -30.88
C VAL B 98 -7.83 -38.83 -29.49
N ALA B 99 -6.99 -37.83 -29.24
CA ALA B 99 -6.86 -37.23 -27.91
C ALA B 99 -7.64 -35.91 -27.82
N PRO B 100 -8.65 -35.86 -26.95
CA PRO B 100 -9.46 -34.62 -26.78
C PRO B 100 -8.98 -33.72 -25.65
N VAL B 101 -9.27 -32.42 -25.79
CA VAL B 101 -9.50 -31.52 -24.66
C VAL B 101 -11.00 -31.49 -24.39
N LEU B 102 -11.39 -31.64 -23.13
CA LEU B 102 -12.81 -31.55 -22.71
C LEU B 102 -13.04 -30.18 -22.03
N ALA B 103 -13.42 -29.20 -22.82
CA ALA B 103 -13.71 -27.87 -22.28
C ALA B 103 -14.96 -27.95 -21.45
N LEU B 104 -15.06 -27.17 -20.40
CA LEU B 104 -16.32 -27.09 -19.64
C LEU B 104 -17.37 -26.27 -20.36
N PHE B 105 -18.62 -26.63 -20.11
CA PHE B 105 -19.71 -25.90 -20.66
C PHE B 105 -19.58 -24.40 -20.40
N SER B 106 -19.02 -24.02 -19.25
CA SER B 106 -19.01 -22.59 -18.89
C SER B 106 -18.01 -21.77 -19.74
N HIS B 107 -17.05 -22.44 -20.37
CA HIS B 107 -16.00 -21.77 -21.10
C HIS B 107 -16.57 -21.07 -22.35
N GLN B 108 -15.92 -19.97 -22.75
CA GLN B 108 -16.40 -19.13 -23.85
C GLN B 108 -15.34 -18.98 -24.98
N ARG B 109 -15.42 -17.94 -25.82
CA ARG B 109 -14.54 -17.81 -27.02
C ARG B 109 -13.07 -17.85 -26.70
N SER B 110 -12.63 -17.10 -25.68
CA SER B 110 -11.21 -16.97 -25.49
C SER B 110 -10.66 -18.31 -25.14
N GLU B 111 -11.36 -19.05 -24.29
CA GLU B 111 -10.86 -20.34 -23.83
C GLU B 111 -10.87 -21.41 -24.93
N LEU B 112 -11.97 -21.49 -25.67
CA LEU B 112 -12.02 -22.45 -26.78
C LEU B 112 -10.96 -22.10 -27.83
N ASN B 113 -10.77 -20.80 -28.12
CA ASN B 113 -9.77 -20.39 -29.11
C ASN B 113 -8.43 -20.81 -28.66
N ALA B 114 -8.19 -20.64 -27.37
CA ALA B 114 -6.89 -20.98 -26.82
C ALA B 114 -6.65 -22.49 -26.91
N TYR B 115 -7.64 -23.29 -26.58
CA TYR B 115 -7.48 -24.74 -26.65
C TYR B 115 -7.26 -25.17 -28.11
N ALA B 116 -8.11 -24.71 -29.02
CA ALA B 116 -7.95 -25.07 -30.44
C ALA B 116 -6.61 -24.61 -31.08
N SER B 117 -6.07 -23.48 -30.65
CA SER B 117 -4.80 -23.01 -31.16
C SER B 117 -3.65 -23.93 -30.77
N GLN B 118 -3.68 -24.40 -29.52
CA GLN B 118 -2.65 -25.28 -29.04
C GLN B 118 -2.70 -26.69 -29.63
N ILE B 119 -3.90 -27.29 -29.81
CA ILE B 119 -3.97 -28.71 -30.17
C ILE B 119 -4.32 -29.00 -31.64
N GLU B 120 -4.81 -27.98 -32.34
CA GLU B 120 -5.08 -28.09 -33.76
C GLU B 120 -6.01 -29.27 -34.05
N PRO B 121 -7.20 -29.22 -33.46
CA PRO B 121 -8.12 -30.33 -33.55
C PRO B 121 -8.68 -30.58 -34.93
N ALA B 122 -8.83 -31.86 -35.27
CA ALA B 122 -9.47 -32.29 -36.53
C ALA B 122 -11.00 -32.35 -36.33
N LEU B 123 -11.40 -32.33 -35.07
CA LEU B 123 -12.79 -32.57 -34.74
C LEU B 123 -13.24 -31.62 -33.65
N LEU B 124 -14.45 -31.08 -33.81
CA LEU B 124 -15.08 -30.21 -32.81
C LEU B 124 -16.42 -30.84 -32.50
N ILE B 125 -16.70 -31.04 -31.23
CA ILE B 125 -18.00 -31.53 -30.79
C ILE B 125 -18.53 -30.57 -29.73
N ALA B 126 -19.73 -30.03 -29.94
CA ALA B 126 -20.27 -29.00 -29.03
C ALA B 126 -21.76 -29.16 -28.91
N ASP B 127 -22.44 -28.17 -28.36
CA ASP B 127 -23.85 -28.33 -28.01
C ASP B 127 -24.56 -27.07 -28.38
N ARG B 128 -25.57 -27.19 -29.24
CA ARG B 128 -26.37 -26.04 -29.66
C ARG B 128 -27.13 -25.36 -28.54
N GLN B 129 -27.24 -26.02 -27.41
CA GLN B 129 -27.65 -25.34 -26.19
C GLN B 129 -26.65 -24.28 -25.63
N HIS B 130 -25.38 -24.36 -26.00
CA HIS B 130 -24.39 -23.36 -25.64
C HIS B 130 -24.61 -22.09 -26.48
N ALA B 131 -24.51 -20.94 -25.85
CA ALA B 131 -24.81 -19.67 -26.50
C ALA B 131 -24.01 -19.46 -27.77
N LEU B 132 -22.78 -19.99 -27.78
CA LEU B 132 -21.89 -19.83 -28.93
C LEU B 132 -22.33 -20.67 -30.09
N PHE B 133 -23.09 -21.73 -29.86
CA PHE B 133 -23.40 -22.71 -30.90
C PHE B 133 -24.89 -22.85 -31.23
N SER B 134 -25.75 -22.01 -30.67
CA SER B 134 -27.17 -22.06 -31.01
C SER B 134 -27.37 -21.59 -32.45
N GLY B 135 -26.60 -20.61 -32.87
CA GLY B 135 -26.50 -20.24 -34.28
C GLY B 135 -25.25 -20.80 -34.94
N ASP B 136 -24.96 -20.25 -36.12
CA ASP B 136 -23.82 -20.65 -36.93
C ASP B 136 -22.76 -19.57 -37.13
N ASP B 137 -22.98 -18.37 -36.59
CA ASP B 137 -21.99 -17.28 -36.76
C ASP B 137 -20.64 -17.62 -36.22
N PHE B 138 -20.59 -17.92 -34.92
CA PHE B 138 -19.32 -18.22 -34.29
C PHE B 138 -18.66 -19.44 -34.91
N LEU B 139 -19.44 -20.48 -35.16
CA LEU B 139 -18.91 -21.67 -35.80
C LEU B 139 -18.15 -21.33 -37.05
N ASN B 140 -18.71 -20.42 -37.86
CA ASN B 140 -18.08 -20.02 -39.12
C ASN B 140 -16.74 -19.35 -38.84
N THR B 141 -16.70 -18.50 -37.82
CA THR B 141 -15.48 -17.81 -37.50
C THR B 141 -14.51 -18.83 -36.98
N PHE B 142 -14.98 -19.67 -36.07
CA PHE B 142 -14.12 -20.63 -35.38
C PHE B 142 -13.45 -21.62 -36.33
N VAL B 143 -14.22 -22.13 -37.26
CA VAL B 143 -13.74 -23.13 -38.18
C VAL B 143 -12.78 -22.47 -39.22
N THR B 144 -12.97 -21.19 -39.50
CA THR B 144 -12.02 -20.43 -40.33
C THR B 144 -10.68 -20.11 -39.61
N GLU B 145 -10.75 -19.73 -38.33
CA GLU B 145 -9.53 -19.43 -37.57
C GLU B 145 -8.78 -20.65 -37.06
N HIS B 146 -9.36 -21.84 -37.19
CA HIS B 146 -8.75 -23.12 -36.80
C HIS B 146 -9.03 -24.17 -37.87
N SER B 147 -8.27 -24.04 -38.95
CA SER B 147 -8.51 -24.76 -40.20
C SER B 147 -8.14 -26.22 -40.14
N SER B 148 -7.53 -26.63 -39.02
CA SER B 148 -7.37 -28.04 -38.73
C SER B 148 -8.71 -28.77 -38.63
N ILE B 149 -9.78 -28.07 -38.24
CA ILE B 149 -11.10 -28.70 -38.03
C ILE B 149 -11.75 -29.19 -39.34
N ARG B 150 -12.00 -30.49 -39.44
CA ARG B 150 -12.62 -31.06 -40.63
C ARG B 150 -14.04 -31.54 -40.39
N VAL B 151 -14.37 -31.87 -39.14
CA VAL B 151 -15.66 -32.46 -38.81
C VAL B 151 -16.23 -31.75 -37.56
N VAL B 152 -17.50 -31.38 -37.62
CA VAL B 152 -18.16 -30.73 -36.53
C VAL B 152 -19.41 -31.54 -36.19
N GLN B 153 -19.52 -31.97 -34.94
CA GLN B 153 -20.72 -32.66 -34.51
C GLN B 153 -21.36 -31.89 -33.34
N LEU B 154 -22.68 -31.80 -33.33
CA LEU B 154 -23.32 -30.94 -32.36
C LEU B 154 -24.45 -31.67 -31.75
N LEU B 155 -24.51 -31.59 -30.42
CA LEU B 155 -25.66 -32.00 -29.65
C LEU B 155 -26.80 -31.00 -29.83
N ASN B 156 -28.03 -31.53 -29.78
CA ASN B 156 -29.26 -30.74 -29.92
C ASN B 156 -29.32 -29.98 -31.22
N ASP B 157 -28.81 -30.63 -32.27
CA ASP B 157 -28.90 -30.16 -33.64
C ASP B 157 -29.79 -31.16 -34.35
N SER B 158 -30.57 -30.67 -35.30
CA SER B 158 -31.41 -31.54 -36.15
C SER B 158 -30.93 -31.50 -37.60
N GLY B 159 -29.99 -30.60 -37.91
CA GLY B 159 -29.41 -30.48 -39.26
C GLY B 159 -28.47 -31.62 -39.65
N GLU B 160 -27.51 -31.34 -40.53
CA GLU B 160 -26.62 -32.41 -40.98
C GLU B 160 -25.48 -32.69 -39.99
N HIS B 161 -25.37 -31.91 -38.92
CA HIS B 161 -24.28 -32.11 -37.95
C HIS B 161 -24.75 -32.70 -36.61
N ASN B 162 -25.85 -33.44 -36.66
CA ASN B 162 -26.49 -33.99 -35.47
C ASN B 162 -25.67 -35.10 -34.86
N LEU B 163 -25.04 -34.82 -33.72
CA LEU B 163 -24.27 -35.84 -32.99
C LEU B 163 -25.02 -37.13 -32.73
N GLN B 164 -26.34 -37.04 -32.56
CA GLN B 164 -27.16 -38.24 -32.27
C GLN B 164 -27.23 -39.22 -33.45
N ASP B 165 -27.29 -38.71 -34.66
CA ASP B 165 -27.32 -39.57 -35.83
C ASP B 165 -26.11 -40.47 -35.87
N ALA B 166 -24.94 -39.91 -35.53
CA ALA B 166 -23.72 -40.71 -35.45
C ALA B 166 -23.78 -41.75 -34.33
N ILE B 167 -24.25 -41.33 -33.16
CA ILE B 167 -24.33 -42.26 -32.02
C ILE B 167 -25.28 -43.41 -32.31
N ASN B 168 -26.41 -43.09 -32.96
CA ASN B 168 -27.43 -44.06 -33.29
C ASN B 168 -27.14 -44.90 -34.49
N HIS B 169 -26.11 -44.58 -35.26
CA HIS B 169 -25.78 -45.37 -36.45
C HIS B 169 -24.94 -46.62 -36.13
N PRO B 170 -25.54 -47.82 -36.26
CA PRO B 170 -24.86 -49.05 -35.80
C PRO B 170 -23.54 -49.29 -36.52
N ALA B 171 -22.48 -49.46 -35.75
CA ALA B 171 -21.16 -49.60 -36.31
C ALA B 171 -21.11 -50.93 -37.02
N GLU B 172 -20.71 -50.90 -38.28
CA GLU B 172 -20.69 -52.11 -39.09
C GLU B 172 -19.59 -53.05 -38.58
N ASP B 173 -18.38 -52.95 -39.10
CA ASP B 173 -17.32 -53.84 -38.61
C ASP B 173 -16.19 -53.03 -38.01
N PHE B 174 -16.37 -52.69 -36.75
CA PHE B 174 -15.53 -51.71 -36.11
C PHE B 174 -14.51 -52.37 -35.21
N THR B 175 -13.24 -52.01 -35.40
CA THR B 175 -12.22 -52.41 -34.45
C THR B 175 -11.49 -51.18 -33.95
N ALA B 176 -11.38 -51.12 -32.63
CA ALA B 176 -10.80 -50.00 -31.91
C ALA B 176 -9.33 -49.92 -32.12
N THR B 177 -8.83 -48.70 -32.28
CA THR B 177 -7.38 -48.47 -32.38
C THR B 177 -6.92 -47.38 -31.39
N PRO B 178 -6.92 -47.69 -30.07
CA PRO B 178 -6.52 -46.72 -29.04
C PRO B 178 -5.06 -46.41 -29.19
N SER B 179 -4.58 -45.23 -28.78
CA SER B 179 -3.14 -44.96 -28.84
C SER B 179 -2.42 -45.96 -27.92
N PRO B 180 -1.10 -46.16 -28.11
CA PRO B 180 -0.41 -47.04 -27.17
C PRO B 180 -0.57 -46.54 -25.74
N ALA B 181 -0.51 -47.46 -24.77
CA ALA B 181 -0.83 -47.14 -23.38
C ALA B 181 0.17 -46.20 -22.73
N ASP B 182 1.38 -46.16 -23.30
CA ASP B 182 2.38 -45.20 -22.87
C ASP B 182 2.45 -43.96 -23.75
N GLU B 183 1.44 -43.72 -24.58
CA GLU B 183 1.31 -42.46 -25.29
C GLU B 183 0.09 -41.70 -24.74
N VAL B 184 -0.17 -40.54 -25.31
CA VAL B 184 -1.19 -39.67 -24.83
C VAL B 184 -2.59 -40.19 -25.15
N ALA B 185 -3.42 -40.25 -24.11
CA ALA B 185 -4.85 -40.57 -24.27
C ALA B 185 -5.74 -39.31 -24.30
N TYR B 186 -5.50 -38.36 -23.41
CA TYR B 186 -6.15 -37.07 -23.52
C TYR B 186 -5.40 -35.94 -22.83
N PHE B 187 -6.00 -34.76 -22.92
CA PHE B 187 -5.46 -33.55 -22.35
C PHE B 187 -6.38 -33.09 -21.24
N GLN B 188 -5.80 -32.79 -20.10
CA GLN B 188 -6.50 -32.12 -19.07
C GLN B 188 -6.12 -30.64 -19.08
N LEU B 189 -6.97 -29.82 -18.46
CA LEU B 189 -6.72 -28.38 -18.29
C LEU B 189 -6.12 -28.02 -16.93
N SER B 190 -5.07 -27.19 -16.87
CA SER B 190 -4.66 -26.71 -15.51
C SER B 190 -5.65 -25.68 -15.00
N GLY B 191 -5.60 -25.49 -13.69
CA GLY B 191 -6.20 -24.33 -13.06
C GLY B 191 -5.80 -23.08 -13.77
N GLY B 192 -4.51 -22.88 -13.94
CA GLY B 192 -4.01 -21.71 -14.65
C GLY B 192 -3.18 -20.87 -13.69
N THR B 193 -1.89 -20.70 -14.04
CA THR B 193 -1.01 -19.76 -13.36
C THR B 193 -0.43 -18.72 -14.32
N THR B 194 -0.82 -18.74 -15.58
CA THR B 194 -0.22 -17.85 -16.59
C THR B 194 -1.27 -17.24 -17.47
N GLY B 195 -0.83 -16.36 -18.39
CA GLY B 195 -1.73 -15.71 -19.31
C GLY B 195 -2.37 -16.54 -20.40
N THR B 196 -1.87 -17.73 -20.65
CA THR B 196 -2.51 -18.59 -21.65
C THR B 196 -2.67 -19.95 -20.99
N PRO B 197 -3.78 -20.62 -21.28
CA PRO B 197 -4.04 -21.89 -20.66
C PRO B 197 -2.98 -22.93 -20.97
N LYS B 198 -2.71 -23.79 -20.00
CA LYS B 198 -1.73 -24.84 -20.15
C LYS B 198 -2.43 -26.22 -20.12
N LEU B 199 -2.00 -27.09 -21.04
CA LEU B 199 -2.61 -28.42 -21.21
C LEU B 199 -1.72 -29.49 -20.60
N ILE B 200 -2.39 -30.45 -20.00
CA ILE B 200 -1.67 -31.52 -19.32
C ILE B 200 -1.88 -32.85 -20.06
N PRO B 201 -0.84 -33.32 -20.76
CA PRO B 201 -0.97 -34.62 -21.37
C PRO B 201 -1.13 -35.71 -20.35
N ARG B 202 -2.07 -36.59 -20.61
CA ARG B 202 -2.28 -37.73 -19.78
C ARG B 202 -2.22 -38.96 -20.65
N THR B 203 -1.28 -39.83 -20.30
CA THR B 203 -1.16 -41.12 -20.94
C THR B 203 -2.16 -42.08 -20.30
N HIS B 204 -2.50 -43.15 -21.02
CA HIS B 204 -3.33 -44.23 -20.50
C HIS B 204 -2.81 -44.83 -19.19
N ASN B 205 -1.53 -45.22 -19.19
CA ASN B 205 -0.88 -45.83 -18.04
C ASN B 205 -1.08 -45.00 -16.78
N ASP B 206 -0.94 -43.68 -16.96
CA ASP B 206 -0.80 -42.83 -15.85
C ASP B 206 -2.21 -42.47 -15.36
N TYR B 207 -3.11 -42.20 -16.30
CA TYR B 207 -4.50 -41.85 -15.92
C TYR B 207 -5.32 -43.03 -15.39
N TYR B 208 -5.13 -44.20 -16.00
CA TYR B 208 -5.82 -45.41 -15.57
C TYR B 208 -5.38 -45.77 -14.16
N TYR B 209 -4.09 -45.62 -13.88
CA TYR B 209 -3.63 -45.87 -12.53
C TYR B 209 -4.31 -44.97 -11.48
N SER B 210 -4.50 -43.69 -11.82
CA SER B 210 -5.01 -42.79 -10.83
C SER B 210 -6.46 -43.17 -10.56
N VAL B 211 -7.17 -43.56 -11.63
CA VAL B 211 -8.57 -44.01 -11.48
C VAL B 211 -8.67 -45.30 -10.66
N ARG B 212 -7.86 -46.30 -11.01
CA ARG B 212 -7.88 -47.63 -10.37
C ARG B 212 -7.54 -47.57 -8.86
N ARG B 213 -6.54 -46.79 -8.52
CA ARG B 213 -6.12 -46.62 -7.18
C ARG B 213 -7.12 -45.81 -6.41
N SER B 214 -7.75 -44.82 -7.03
CA SER B 214 -8.81 -44.06 -6.35
C SER B 214 -9.98 -44.97 -6.01
N VAL B 215 -10.35 -45.85 -6.97
CA VAL B 215 -11.37 -46.87 -6.71
C VAL B 215 -11.10 -47.75 -5.48
N GLU B 216 -9.84 -48.14 -5.28
CA GLU B 216 -9.48 -48.97 -4.12
C GLU B 216 -9.68 -48.16 -2.84
N ILE B 217 -9.10 -46.97 -2.80
CA ILE B 217 -9.21 -46.10 -1.64
C ILE B 217 -10.67 -45.75 -1.31
N CYS B 218 -11.49 -45.49 -2.32
CA CYS B 218 -12.89 -45.11 -2.07
C CYS B 218 -13.81 -46.32 -2.07
N GLN B 219 -13.24 -47.51 -2.26
CA GLN B 219 -14.02 -48.73 -2.15
C GLN B 219 -15.28 -48.72 -2.99
N PHE B 220 -15.18 -48.29 -4.22
CA PHE B 220 -16.28 -48.32 -5.18
C PHE B 220 -16.52 -49.74 -5.68
N THR B 221 -17.78 -50.11 -5.90
CA THR B 221 -18.12 -51.41 -6.46
C THR B 221 -19.26 -51.25 -7.41
N GLN B 222 -19.89 -52.34 -7.83
CA GLN B 222 -21.15 -52.29 -8.59
C GLN B 222 -22.32 -51.61 -7.89
N GLN B 223 -22.26 -51.51 -6.55
CA GLN B 223 -23.29 -50.87 -5.75
C GLN B 223 -23.10 -49.34 -5.63
N THR B 224 -21.96 -48.82 -6.09
CA THR B 224 -21.77 -47.40 -6.10
C THR B 224 -22.82 -46.75 -7.01
N ARG B 225 -23.54 -45.81 -6.43
CA ARG B 225 -24.42 -44.92 -7.13
C ARG B 225 -23.90 -43.51 -6.85
N TYR B 226 -23.23 -42.96 -7.85
CA TYR B 226 -22.44 -41.74 -7.76
C TYR B 226 -23.13 -40.55 -8.43
N LEU B 227 -23.42 -39.51 -7.66
CA LEU B 227 -23.98 -38.29 -8.25
C LEU B 227 -22.87 -37.41 -8.80
N CYS B 228 -22.92 -37.15 -10.10
CA CYS B 228 -21.94 -36.28 -10.74
C CYS B 228 -22.67 -35.01 -11.04
N ALA B 229 -22.43 -33.97 -10.24
CA ALA B 229 -23.20 -32.72 -10.29
C ALA B 229 -22.32 -31.53 -10.54
N ILE B 230 -21.07 -31.59 -10.08
CA ILE B 230 -20.10 -30.59 -10.49
C ILE B 230 -19.79 -30.90 -11.95
N PRO B 231 -19.20 -29.94 -12.68
CA PRO B 231 -18.96 -30.10 -14.12
C PRO B 231 -18.21 -31.39 -14.36
N ALA B 232 -18.82 -32.22 -15.21
CA ALA B 232 -18.50 -33.58 -15.29
C ALA B 232 -17.13 -33.81 -15.91
N ALA B 233 -16.59 -32.86 -16.63
CA ALA B 233 -15.37 -33.09 -17.36
C ALA B 233 -14.13 -32.55 -16.63
N HIS B 234 -14.32 -32.08 -15.40
CA HIS B 234 -13.21 -31.71 -14.57
C HIS B 234 -12.63 -32.99 -13.94
N GLY B 235 -11.33 -33.02 -13.67
CA GLY B 235 -10.70 -34.24 -13.21
C GLY B 235 -11.18 -34.82 -11.89
N TYR B 236 -11.58 -33.99 -10.95
CA TYR B 236 -12.16 -34.43 -9.70
C TYR B 236 -13.41 -35.26 -10.02
N ALA B 237 -14.20 -34.81 -10.98
CA ALA B 237 -15.49 -35.50 -11.33
C ALA B 237 -15.29 -36.69 -12.19
N MET B 238 -14.20 -36.68 -12.91
CA MET B 238 -13.94 -37.63 -13.93
C MET B 238 -13.12 -38.83 -13.38
N SER B 239 -12.24 -38.60 -12.41
CA SER B 239 -11.19 -39.58 -12.10
C SER B 239 -10.71 -39.75 -10.62
N SER B 240 -11.36 -39.11 -9.68
CA SER B 240 -10.85 -39.07 -8.32
C SER B 240 -11.91 -39.43 -7.28
N PRO B 241 -12.55 -40.61 -7.41
CA PRO B 241 -12.41 -41.60 -8.50
C PRO B 241 -13.28 -41.26 -9.70
N GLY B 242 -14.35 -40.52 -9.45
CA GLY B 242 -15.13 -39.91 -10.53
C GLY B 242 -15.92 -40.88 -11.33
N SER B 243 -16.45 -40.41 -12.42
CA SER B 243 -17.27 -41.24 -13.25
C SER B 243 -16.54 -42.45 -13.83
N LEU B 244 -15.26 -42.25 -14.16
CA LEU B 244 -14.49 -43.31 -14.73
C LEU B 244 -14.26 -44.38 -13.67
N GLY B 245 -14.01 -43.97 -12.43
CA GLY B 245 -13.87 -44.96 -11.34
C GLY B 245 -15.15 -45.74 -11.17
N VAL B 246 -16.30 -45.06 -11.31
CA VAL B 246 -17.60 -45.71 -11.19
C VAL B 246 -17.78 -46.74 -12.30
N PHE B 247 -17.44 -46.36 -13.52
CA PHE B 247 -17.50 -47.28 -14.64
C PHE B 247 -16.53 -48.44 -14.46
N LEU B 248 -15.33 -48.15 -13.94
CA LEU B 248 -14.37 -49.19 -13.73
C LEU B 248 -14.99 -50.25 -12.87
N ALA B 249 -15.57 -49.80 -11.74
CA ALA B 249 -16.18 -50.69 -10.75
C ALA B 249 -17.57 -51.20 -11.17
N GLY B 250 -18.11 -50.79 -12.30
CA GLY B 250 -19.42 -51.24 -12.74
C GLY B 250 -20.64 -50.64 -12.02
N GLY B 251 -20.44 -49.55 -11.28
CA GLY B 251 -21.54 -48.86 -10.63
C GLY B 251 -22.39 -48.00 -11.51
N THR B 252 -23.05 -47.02 -10.91
CA THR B 252 -23.93 -46.15 -11.69
C THR B 252 -23.63 -44.69 -11.43
N VAL B 253 -23.54 -43.95 -12.52
CA VAL B 253 -23.41 -42.50 -12.48
C VAL B 253 -24.73 -41.83 -12.77
N VAL B 254 -25.15 -41.00 -11.83
CA VAL B 254 -26.34 -40.12 -11.96
C VAL B 254 -25.85 -38.68 -12.26
N LEU B 255 -26.24 -38.14 -13.38
CA LEU B 255 -25.83 -36.83 -13.76
C LEU B 255 -26.83 -35.81 -13.29
N ALA B 256 -26.33 -34.67 -12.84
CA ALA B 256 -27.13 -33.50 -12.53
C ALA B 256 -26.48 -32.28 -13.18
N ALA B 257 -27.27 -31.31 -13.57
CA ALA B 257 -26.79 -30.19 -14.39
C ALA B 257 -25.94 -29.33 -13.54
N ASP B 258 -26.27 -29.23 -12.25
CA ASP B 258 -25.46 -28.45 -11.30
C ASP B 258 -25.61 -28.98 -9.88
N PRO B 259 -24.77 -28.47 -8.94
CA PRO B 259 -24.79 -28.88 -7.54
C PRO B 259 -25.85 -28.27 -6.64
N SER B 260 -26.89 -27.67 -7.19
CA SER B 260 -27.94 -27.14 -6.31
C SER B 260 -28.71 -28.28 -5.59
N ALA B 261 -28.97 -27.99 -4.30
CA ALA B 261 -29.89 -28.78 -3.52
C ALA B 261 -31.21 -29.02 -4.28
N THR B 262 -31.74 -28.00 -4.94
CA THR B 262 -33.03 -28.14 -5.60
C THR B 262 -33.05 -29.31 -6.59
N LEU B 263 -31.95 -29.47 -7.30
CA LEU B 263 -31.84 -30.51 -8.30
C LEU B 263 -31.43 -31.83 -7.63
N CYS B 264 -30.44 -31.75 -6.77
CA CYS B 264 -29.73 -32.90 -6.23
C CYS B 264 -30.41 -33.63 -5.06
N PHE B 265 -31.10 -32.91 -4.17
CA PHE B 265 -31.79 -33.60 -3.06
C PHE B 265 -32.78 -34.64 -3.63
N PRO B 266 -33.54 -34.25 -4.67
CA PRO B 266 -34.45 -35.22 -5.33
C PRO B 266 -33.78 -36.36 -6.08
N LEU B 267 -32.68 -36.09 -6.76
CA LEU B 267 -31.98 -37.15 -7.47
C LEU B 267 -31.39 -38.13 -6.49
N ILE B 268 -30.97 -37.65 -5.32
CA ILE B 268 -30.32 -38.53 -4.34
C ILE B 268 -31.34 -39.52 -3.75
N GLU B 269 -32.51 -39.01 -3.42
CA GLU B 269 -33.56 -39.85 -2.86
C GLU B 269 -34.03 -40.85 -3.87
N LYS B 270 -34.38 -40.34 -5.03
CA LYS B 270 -34.97 -41.10 -6.14
C LYS B 270 -34.12 -42.28 -6.56
N HIS B 271 -32.82 -42.05 -6.72
CA HIS B 271 -31.88 -43.06 -7.24
C HIS B 271 -31.00 -43.70 -6.15
N GLN B 272 -31.23 -43.34 -4.89
CA GLN B 272 -30.52 -43.94 -3.78
C GLN B 272 -29.01 -43.73 -3.95
N VAL B 273 -28.62 -42.51 -4.25
CA VAL B 273 -27.21 -42.19 -4.40
C VAL B 273 -26.50 -42.45 -3.10
N ASN B 274 -25.27 -42.96 -3.16
CA ASN B 274 -24.54 -43.24 -1.95
C ASN B 274 -23.19 -42.54 -1.88
N VAL B 275 -22.75 -41.93 -2.98
CA VAL B 275 -21.59 -41.07 -2.94
C VAL B 275 -21.69 -39.92 -3.92
N THR B 276 -21.16 -38.76 -3.52
CA THR B 276 -21.06 -37.65 -4.42
C THR B 276 -19.87 -36.78 -4.07
N ALA B 277 -19.63 -35.77 -4.91
CA ALA B 277 -18.45 -34.93 -4.81
C ALA B 277 -18.84 -33.48 -4.95
N LEU B 278 -18.39 -32.67 -4.01
CA LEU B 278 -18.76 -31.28 -3.94
C LEU B 278 -17.53 -30.48 -3.70
N VAL B 279 -17.69 -29.17 -3.90
CA VAL B 279 -16.71 -28.18 -3.50
C VAL B 279 -17.32 -27.55 -2.26
N PRO B 280 -16.52 -26.87 -1.41
CA PRO B 280 -17.03 -26.33 -0.13
C PRO B 280 -18.31 -25.47 -0.16
N PRO B 281 -18.38 -24.48 -1.08
CA PRO B 281 -19.61 -23.68 -1.07
C PRO B 281 -20.89 -24.47 -1.30
N ALA B 282 -20.85 -25.49 -2.17
CA ALA B 282 -22.01 -26.39 -2.41
C ALA B 282 -22.41 -27.06 -1.10
N VAL B 283 -21.39 -27.42 -0.31
CA VAL B 283 -21.64 -28.03 0.96
C VAL B 283 -22.39 -27.03 1.86
N SER B 284 -21.94 -25.77 1.95
CA SER B 284 -22.66 -24.80 2.83
C SER B 284 -24.08 -24.61 2.38
N LEU B 285 -24.26 -24.49 1.06
CA LEU B 285 -25.57 -24.28 0.51
C LEU B 285 -26.51 -25.49 0.78
N TRP B 286 -25.97 -26.73 0.74
CA TRP B 286 -26.80 -27.90 1.12
C TRP B 286 -27.24 -27.87 2.59
N LEU B 287 -26.32 -27.51 3.47
CA LEU B 287 -26.56 -27.52 4.89
C LEU B 287 -27.53 -26.43 5.20
N GLN B 288 -27.43 -25.34 4.47
CA GLN B 288 -28.35 -24.26 4.72
C GLN B 288 -29.74 -24.61 4.13
N ALA B 289 -29.76 -25.36 3.04
CA ALA B 289 -31.03 -25.81 2.54
C ALA B 289 -31.76 -26.71 3.55
N LEU B 290 -31.03 -27.63 4.19
CA LEU B 290 -31.55 -28.42 5.31
C LEU B 290 -32.03 -27.53 6.47
N ILE B 291 -31.31 -26.49 6.80
CA ILE B 291 -31.74 -25.61 7.85
C ILE B 291 -33.02 -24.88 7.48
N GLU B 292 -33.16 -24.52 6.22
CA GLU B 292 -34.37 -23.86 5.74
C GLU B 292 -35.57 -24.81 5.58
N GLY B 293 -35.43 -26.07 6.02
CA GLY B 293 -36.52 -27.04 5.95
C GLY B 293 -36.51 -28.21 4.96
N GLU B 294 -35.51 -28.42 4.13
CA GLU B 294 -35.53 -29.65 3.31
C GLU B 294 -35.41 -30.86 4.25
N SER B 295 -36.14 -31.94 3.99
CA SER B 295 -36.01 -33.09 4.87
C SER B 295 -34.69 -33.80 4.67
N ARG B 296 -33.98 -33.96 5.77
CA ARG B 296 -32.74 -34.71 5.85
C ARG B 296 -32.90 -36.17 5.28
N ALA B 297 -34.11 -36.73 5.30
CA ALA B 297 -34.35 -38.12 4.82
C ALA B 297 -34.10 -38.31 3.33
N GLN B 298 -34.20 -37.23 2.59
CA GLN B 298 -33.85 -37.26 1.15
C GLN B 298 -32.42 -37.72 0.92
N LEU B 299 -31.56 -37.48 1.91
CA LEU B 299 -30.14 -37.83 1.88
C LEU B 299 -29.73 -39.13 2.63
N ALA B 300 -30.68 -39.92 3.11
CA ALA B 300 -30.37 -41.11 3.93
C ALA B 300 -29.38 -42.03 3.24
N SER B 301 -29.62 -42.36 1.97
CA SER B 301 -28.80 -43.27 1.21
C SER B 301 -27.34 -42.82 1.01
N LEU B 302 -27.08 -41.55 1.32
CA LEU B 302 -25.75 -40.99 1.16
C LEU B 302 -24.82 -41.54 2.22
N LYS B 303 -23.72 -42.17 1.78
CA LYS B 303 -22.77 -42.84 2.67
C LYS B 303 -21.40 -42.17 2.69
N LEU B 304 -20.99 -41.61 1.56
CA LEU B 304 -19.75 -40.84 1.48
C LEU B 304 -19.97 -39.54 0.71
N LEU B 305 -19.46 -38.45 1.26
CA LEU B 305 -19.41 -37.17 0.56
C LEU B 305 -17.95 -36.73 0.45
N GLN B 306 -17.46 -36.54 -0.77
CA GLN B 306 -16.13 -36.02 -0.96
C GLN B 306 -16.24 -34.50 -1.11
N VAL B 307 -15.31 -33.76 -0.49
CA VAL B 307 -15.19 -32.34 -0.65
C VAL B 307 -13.75 -32.01 -1.05
N GLY B 308 -13.59 -31.18 -2.07
CA GLY B 308 -12.31 -30.77 -2.55
C GLY B 308 -12.40 -29.63 -3.55
N GLY B 309 -11.28 -29.36 -4.21
CA GLY B 309 -11.20 -28.22 -5.13
C GLY B 309 -10.68 -27.00 -4.40
N ALA B 310 -11.13 -26.79 -3.15
CA ALA B 310 -10.65 -25.73 -2.28
C ALA B 310 -10.73 -26.23 -0.88
N ARG B 311 -10.12 -25.50 0.04
CA ARG B 311 -10.01 -26.00 1.41
C ARG B 311 -11.34 -25.91 2.17
N LEU B 312 -11.72 -27.04 2.73
CA LEU B 312 -12.84 -27.16 3.62
C LEU B 312 -12.42 -26.74 5.02
N SER B 313 -13.09 -25.74 5.61
CA SER B 313 -12.83 -25.38 7.00
C SER B 313 -13.23 -26.55 7.89
N ALA B 314 -12.53 -26.68 9.02
CA ALA B 314 -12.87 -27.69 10.05
C ALA B 314 -14.28 -27.53 10.59
N THR B 315 -14.73 -26.29 10.73
CA THR B 315 -16.04 -26.03 11.29
C THR B 315 -17.08 -26.73 10.39
N LEU B 316 -16.94 -26.42 9.10
CA LEU B 316 -17.84 -26.88 8.07
C LEU B 316 -17.74 -28.39 7.91
N ALA B 317 -16.51 -28.88 7.90
CA ALA B 317 -16.28 -30.31 7.84
C ALA B 317 -16.98 -31.06 8.94
N ALA B 318 -16.88 -30.55 10.17
CA ALA B 318 -17.49 -31.24 11.33
C ALA B 318 -18.99 -31.38 11.15
N ARG B 319 -19.61 -30.40 10.51
CA ARG B 319 -21.08 -30.40 10.35
C ARG B 319 -21.56 -31.49 9.44
N ILE B 320 -20.68 -32.11 8.68
CA ILE B 320 -21.18 -33.04 7.70
C ILE B 320 -21.73 -34.33 8.34
N PRO B 321 -20.93 -35.01 9.18
CA PRO B 321 -21.48 -36.21 9.76
C PRO B 321 -22.64 -35.85 10.64
N ALA B 322 -22.50 -34.76 11.41
CA ALA B 322 -23.61 -34.27 12.27
C ALA B 322 -24.88 -33.91 11.50
N GLU B 323 -24.84 -32.86 10.67
CA GLU B 323 -26.05 -32.37 9.95
C GLU B 323 -26.47 -33.17 8.72
N ILE B 324 -25.56 -33.90 8.08
CA ILE B 324 -25.96 -34.76 6.94
C ILE B 324 -25.95 -36.28 7.21
N GLY B 325 -25.04 -36.76 8.05
CA GLY B 325 -25.08 -38.19 8.51
C GLY B 325 -24.32 -39.23 7.67
N CYS B 326 -23.55 -38.75 6.70
CA CYS B 326 -22.63 -39.57 5.92
C CYS B 326 -21.20 -39.28 6.34
N GLN B 327 -20.26 -40.08 5.86
CA GLN B 327 -18.88 -39.74 6.11
C GLN B 327 -18.30 -38.73 5.09
N LEU B 328 -17.34 -37.98 5.58
CA LEU B 328 -16.61 -37.04 4.80
C LEU B 328 -15.33 -37.69 4.23
N GLN B 329 -14.97 -37.37 2.99
CA GLN B 329 -13.61 -37.55 2.50
C GLN B 329 -13.09 -36.26 1.91
N GLN B 330 -11.98 -35.75 2.43
CA GLN B 330 -11.39 -34.58 1.85
C GLN B 330 -10.53 -35.00 0.68
N VAL B 331 -10.61 -34.23 -0.41
CA VAL B 331 -9.87 -34.58 -1.63
C VAL B 331 -9.10 -33.37 -2.05
N PHE B 332 -7.77 -33.48 -2.05
CA PHE B 332 -6.90 -32.38 -2.40
C PHE B 332 -6.05 -32.84 -3.58
N GLY B 333 -6.49 -32.42 -4.76
CA GLY B 333 -5.92 -32.88 -5.97
C GLY B 333 -5.66 -31.77 -6.91
N MET B 334 -5.04 -32.12 -8.04
CA MET B 334 -4.72 -31.19 -9.11
C MET B 334 -4.69 -31.93 -10.46
N ALA B 335 -5.01 -31.22 -11.53
CA ALA B 335 -5.06 -31.82 -12.86
C ALA B 335 -3.69 -32.30 -13.36
N GLU B 336 -2.64 -31.66 -12.86
CA GLU B 336 -1.26 -32.05 -13.15
C GLU B 336 -0.91 -33.46 -12.64
N GLY B 337 -1.69 -33.95 -11.65
CA GLY B 337 -1.47 -35.30 -11.06
C GLY B 337 -1.91 -35.51 -9.62
N LEU B 338 -0.94 -35.58 -8.71
CA LEU B 338 -1.14 -35.74 -7.27
C LEU B 338 -2.54 -35.52 -6.70
N VAL B 339 -3.11 -36.57 -6.11
CA VAL B 339 -4.33 -36.45 -5.40
C VAL B 339 -4.12 -37.05 -4.04
N ASN B 340 -4.48 -36.26 -3.02
CA ASN B 340 -4.43 -36.71 -1.66
C ASN B 340 -5.84 -36.96 -1.22
N TYR B 341 -6.01 -38.02 -0.43
CA TYR B 341 -7.28 -38.40 0.13
C TYR B 341 -7.13 -38.62 1.64
N THR B 342 -8.17 -38.32 2.40
CA THR B 342 -8.30 -38.89 3.74
C THR B 342 -8.89 -40.27 3.46
N ARG B 343 -8.60 -41.24 4.31
CA ARG B 343 -9.06 -42.58 4.04
C ARG B 343 -10.36 -42.84 4.81
N LEU B 344 -11.11 -43.84 4.36
CA LEU B 344 -12.40 -44.18 4.98
C LEU B 344 -12.28 -44.70 6.42
N ASP B 345 -11.10 -45.17 6.81
CA ASP B 345 -10.91 -45.62 8.17
C ASP B 345 -10.05 -44.66 8.96
N ASP B 346 -9.92 -43.42 8.47
CA ASP B 346 -9.11 -42.43 9.17
C ASP B 346 -9.89 -41.99 10.43
N SER B 347 -9.15 -41.56 11.46
CA SER B 347 -9.71 -40.92 12.64
C SER B 347 -10.49 -39.68 12.25
N ALA B 348 -11.49 -39.30 13.05
CA ALA B 348 -12.20 -38.03 12.85
C ALA B 348 -11.24 -36.86 12.82
N GLU B 349 -10.20 -36.90 13.62
CA GLU B 349 -9.32 -35.76 13.66
C GLU B 349 -8.71 -35.53 12.28
N LYS B 350 -8.34 -36.60 11.58
CA LYS B 350 -7.63 -36.43 10.31
C LYS B 350 -8.55 -36.05 9.16
N ILE B 351 -9.76 -36.59 9.21
CA ILE B 351 -10.80 -36.26 8.24
C ILE B 351 -11.25 -34.81 8.31
N ILE B 352 -11.26 -34.24 9.53
CA ILE B 352 -11.78 -32.90 9.77
C ILE B 352 -10.75 -31.82 9.61
N HIS B 353 -9.52 -32.08 10.00
CA HIS B 353 -8.48 -31.02 10.04
C HIS B 353 -7.42 -31.04 8.91
N THR B 354 -7.34 -32.15 8.16
CA THR B 354 -6.30 -32.31 7.12
C THR B 354 -6.88 -32.59 5.75
N GLN B 355 -6.02 -32.46 4.73
CA GLN B 355 -6.37 -32.85 3.37
C GLN B 355 -5.80 -34.21 2.98
N GLY B 356 -5.56 -35.08 3.96
CA GLY B 356 -5.28 -36.49 3.71
C GLY B 356 -3.81 -36.69 3.34
N TYR B 357 -3.52 -37.75 2.57
CA TYR B 357 -2.17 -38.03 2.05
C TYR B 357 -2.25 -38.70 0.64
N PRO B 358 -1.10 -38.74 -0.10
CA PRO B 358 -1.12 -39.22 -1.47
C PRO B 358 -1.68 -40.61 -1.69
N MET B 359 -2.38 -40.77 -2.80
CA MET B 359 -2.98 -42.04 -3.14
C MET B 359 -1.91 -43.12 -3.31
N CYS B 360 -0.74 -42.76 -3.83
CA CYS B 360 0.26 -43.75 -4.17
C CYS B 360 1.40 -43.70 -3.14
N PRO B 361 1.89 -44.89 -2.71
CA PRO B 361 3.04 -44.94 -1.79
C PRO B 361 4.29 -44.36 -2.43
N ASP B 362 4.37 -44.36 -3.76
CA ASP B 362 5.50 -43.75 -4.49
C ASP B 362 5.18 -42.39 -5.07
N ASP B 363 4.11 -41.76 -4.62
CA ASP B 363 3.98 -40.32 -4.77
C ASP B 363 5.03 -39.74 -3.83
N GLU B 364 5.93 -38.94 -4.36
CA GLU B 364 6.96 -38.33 -3.54
C GLU B 364 6.58 -36.86 -3.33
N VAL B 365 6.42 -36.48 -2.07
CA VAL B 365 5.99 -35.15 -1.71
C VAL B 365 6.94 -34.57 -0.65
N TRP B 366 7.53 -33.43 -0.96
CA TRP B 366 8.34 -32.72 0.03
C TRP B 366 8.03 -31.22 -0.01
N VAL B 367 8.44 -30.53 1.04
CA VAL B 367 8.09 -29.13 1.23
C VAL B 367 9.34 -28.25 1.16
N ALA B 368 9.32 -27.29 0.24
CA ALA B 368 10.49 -26.49 -0.09
C ALA B 368 10.34 -25.10 0.50
N ASP B 369 11.47 -24.45 0.78
CA ASP B 369 11.50 -23.05 1.17
C ASP B 369 11.70 -22.28 -0.11
N ALA B 370 11.84 -20.96 0.03
CA ALA B 370 11.97 -20.03 -1.09
C ALA B 370 13.08 -20.33 -2.09
N GLU B 371 14.21 -20.87 -1.67
CA GLU B 371 15.31 -21.14 -2.62
C GLU B 371 15.46 -22.62 -3.03
N GLY B 372 14.45 -23.45 -2.77
CA GLY B 372 14.47 -24.85 -3.20
C GLY B 372 14.94 -25.88 -2.18
N ASN B 373 15.08 -25.52 -0.89
CA ASN B 373 15.60 -26.50 0.08
C ASN B 373 14.52 -27.19 0.90
N PRO B 374 14.72 -28.49 1.21
CA PRO B 374 13.71 -29.18 2.03
C PRO B 374 13.52 -28.53 3.42
N LEU B 375 12.31 -28.60 3.96
CA LEU B 375 12.03 -28.09 5.27
C LEU B 375 11.58 -29.27 6.11
N PRO B 376 11.85 -29.20 7.44
CA PRO B 376 11.45 -30.34 8.27
C PRO B 376 9.95 -30.37 8.50
N GLN B 377 9.48 -31.51 8.97
CA GLN B 377 8.08 -31.84 9.19
C GLN B 377 7.02 -30.73 9.41
N GLY B 378 6.77 -30.29 10.62
CA GLY B 378 5.70 -29.27 10.79
C GLY B 378 5.77 -27.95 9.98
N GLU B 379 6.86 -27.68 9.25
CA GLU B 379 7.08 -26.38 8.62
C GLU B 379 6.28 -26.13 7.35
N VAL B 380 5.96 -24.86 7.09
CA VAL B 380 5.10 -24.49 6.01
C VAL B 380 5.94 -24.09 4.81
N GLY B 381 5.62 -24.64 3.65
CA GLY B 381 6.35 -24.35 2.43
C GLY B 381 5.69 -24.82 1.13
N ARG B 382 6.43 -24.71 0.04
CA ARG B 382 5.95 -25.05 -1.27
C ARG B 382 5.88 -26.56 -1.54
N LEU B 383 4.72 -27.03 -2.00
CA LEU B 383 4.51 -28.44 -2.35
C LEU B 383 5.31 -28.85 -3.58
N MET B 384 6.20 -29.82 -3.44
CA MET B 384 7.02 -30.35 -4.54
C MET B 384 6.69 -31.82 -4.69
N THR B 385 6.43 -32.27 -5.91
CA THR B 385 5.99 -33.65 -6.08
C THR B 385 6.29 -34.27 -7.43
N ARG B 386 6.52 -35.58 -7.39
CA ARG B 386 6.56 -36.45 -8.60
C ARG B 386 6.09 -37.84 -8.25
N GLY B 387 5.60 -38.56 -9.23
CA GLY B 387 5.07 -39.90 -9.02
C GLY B 387 4.49 -40.50 -10.30
N PRO B 388 3.91 -41.69 -10.19
CA PRO B 388 3.46 -42.45 -11.38
C PRO B 388 2.30 -41.86 -12.20
N TYR B 389 1.54 -40.91 -11.68
CA TYR B 389 0.50 -40.27 -12.48
C TYR B 389 0.61 -38.75 -12.42
N THR B 390 1.80 -38.22 -12.05
CA THR B 390 2.04 -36.79 -12.11
C THR B 390 2.88 -36.49 -13.36
N PHE B 391 2.38 -35.58 -14.20
CA PHE B 391 2.99 -35.29 -15.49
C PHE B 391 4.42 -34.74 -15.30
N ARG B 392 5.11 -34.66 -16.44
CA ARG B 392 6.45 -34.15 -16.52
C ARG B 392 6.53 -32.93 -17.42
N GLY B 393 5.42 -32.49 -17.99
CA GLY B 393 5.48 -31.29 -18.81
C GLY B 393 4.16 -30.92 -19.40
N TYR B 394 3.88 -29.63 -19.44
CA TYR B 394 2.73 -29.17 -20.14
C TYR B 394 2.92 -29.32 -21.63
N TYR B 395 1.82 -29.44 -22.38
CA TYR B 395 1.92 -29.60 -23.84
C TYR B 395 2.59 -28.40 -24.51
N LYS B 396 3.58 -28.65 -25.34
CA LYS B 396 4.23 -27.60 -26.13
C LYS B 396 4.52 -26.28 -25.40
N SER B 397 5.18 -26.35 -24.24
CA SER B 397 5.42 -25.21 -23.39
C SER B 397 6.81 -25.29 -22.75
N PRO B 398 7.85 -25.25 -23.58
CA PRO B 398 9.22 -25.40 -23.10
C PRO B 398 9.60 -24.32 -22.11
N GLN B 399 9.21 -23.09 -22.42
CA GLN B 399 9.57 -21.92 -21.61
C GLN B 399 9.00 -22.17 -20.23
N HIS B 400 7.69 -22.44 -20.18
CA HIS B 400 7.00 -22.60 -18.91
C HIS B 400 7.39 -23.90 -18.21
N ASN B 401 7.67 -24.93 -18.99
CA ASN B 401 8.14 -26.18 -18.40
C ASN B 401 9.47 -26.04 -17.67
N ALA B 402 10.33 -25.15 -18.18
CA ALA B 402 11.66 -24.91 -17.55
C ALA B 402 11.50 -24.34 -16.15
N SER B 403 10.45 -23.54 -15.93
CA SER B 403 10.07 -23.02 -14.60
C SER B 403 9.29 -23.95 -13.68
N ALA B 404 8.41 -24.76 -14.23
CA ALA B 404 7.48 -25.48 -13.38
C ALA B 404 8.08 -26.69 -12.70
N PHE B 405 9.25 -27.12 -13.15
CA PHE B 405 9.90 -28.32 -12.62
C PHE B 405 11.33 -28.02 -12.19
N ASP B 406 11.75 -28.58 -11.05
CA ASP B 406 13.17 -28.57 -10.64
C ASP B 406 14.01 -29.52 -11.51
N ALA B 407 15.32 -29.53 -11.27
CA ALA B 407 16.29 -30.27 -12.11
C ALA B 407 16.08 -31.76 -12.04
N ASN B 408 15.53 -32.24 -10.92
CA ASN B 408 15.20 -33.64 -10.72
C ASN B 408 13.79 -34.10 -11.18
N GLY B 409 13.06 -33.22 -11.85
CA GLY B 409 11.69 -33.54 -12.29
C GLY B 409 10.55 -33.36 -11.29
N PHE B 410 10.83 -32.82 -10.09
CA PHE B 410 9.75 -32.49 -9.14
C PHE B 410 8.95 -31.28 -9.65
N TYR B 411 7.63 -31.41 -9.66
CA TYR B 411 6.69 -30.36 -10.07
C TYR B 411 6.32 -29.57 -8.81
N CYS B 412 6.27 -28.25 -8.93
CA CYS B 412 5.87 -27.39 -7.81
C CYS B 412 4.48 -26.96 -8.07
N SER B 413 3.55 -27.34 -7.20
CA SER B 413 2.13 -27.10 -7.49
C SER B 413 1.65 -25.68 -7.20
N GLY B 414 2.51 -24.86 -6.57
CA GLY B 414 2.18 -23.49 -6.28
C GLY B 414 1.41 -23.34 -4.99
N ASP B 415 1.24 -24.45 -4.30
CA ASP B 415 0.52 -24.52 -3.03
C ASP B 415 1.52 -24.46 -1.86
N LEU B 416 1.12 -23.83 -0.78
CA LEU B 416 1.89 -23.91 0.45
C LEU B 416 1.23 -24.93 1.39
N ILE B 417 2.03 -25.81 1.93
CA ILE B 417 1.50 -26.84 2.79
C ILE B 417 2.41 -27.06 3.99
N SER B 418 1.87 -27.78 4.96
CA SER B 418 2.65 -28.40 5.98
C SER B 418 2.22 -29.88 6.08
N ILE B 419 3.13 -30.69 6.64
CA ILE B 419 2.89 -32.09 6.88
C ILE B 419 3.00 -32.34 8.37
N ASP B 420 1.95 -32.92 8.94
CA ASP B 420 1.90 -33.72 10.18
C ASP B 420 3.06 -34.66 10.51
N PRO B 421 3.26 -34.96 11.82
CA PRO B 421 4.07 -36.13 12.23
C PRO B 421 3.53 -37.47 11.71
N GLU B 422 2.20 -37.59 11.61
CA GLU B 422 1.58 -38.83 11.09
C GLU B 422 1.61 -38.93 9.56
N GLY B 423 2.06 -37.87 8.89
CA GLY B 423 2.29 -37.93 7.44
C GLY B 423 1.23 -37.30 6.55
N TYR B 424 0.25 -36.64 7.19
CA TYR B 424 -0.86 -35.96 6.53
C TYR B 424 -0.58 -34.51 6.15
N ILE B 425 -1.12 -34.11 4.99
CA ILE B 425 -0.98 -32.77 4.41
C ILE B 425 -2.09 -31.81 4.83
N THR B 426 -1.71 -30.60 5.22
CA THR B 426 -2.66 -29.52 5.41
C THR B 426 -2.29 -28.37 4.46
N VAL B 427 -3.28 -27.81 3.78
CA VAL B 427 -3.09 -26.70 2.85
C VAL B 427 -3.24 -25.44 3.63
N GLN B 428 -2.18 -24.63 3.58
CA GLN B 428 -2.02 -23.44 4.42
C GLN B 428 -2.11 -22.15 3.66
N GLY B 429 -1.86 -22.18 2.35
CA GLY B 429 -1.95 -20.99 1.54
C GLY B 429 -1.52 -21.25 0.13
N ARG B 430 -1.11 -20.19 -0.56
CA ARG B 430 -0.83 -20.29 -1.99
C ARG B 430 0.22 -19.33 -2.46
N GLU B 431 1.04 -19.76 -3.40
CA GLU B 431 2.05 -18.92 -3.99
C GLU B 431 1.68 -18.56 -5.43
N LYS B 432 1.14 -19.53 -6.17
CA LYS B 432 0.80 -19.31 -7.58
C LYS B 432 -0.22 -18.17 -7.74
N ASP B 433 -0.08 -17.42 -8.82
CA ASP B 433 -0.86 -16.25 -8.99
C ASP B 433 -2.26 -16.64 -9.52
N GLN B 434 -3.06 -17.18 -8.60
CA GLN B 434 -4.30 -17.82 -8.94
C GLN B 434 -5.40 -17.63 -7.90
N ILE B 435 -6.59 -17.33 -8.37
CA ILE B 435 -7.75 -17.21 -7.51
C ILE B 435 -8.60 -18.47 -7.55
N ASN B 436 -8.88 -18.98 -6.36
CA ASN B 436 -9.68 -20.17 -6.19
C ASN B 436 -11.04 -19.72 -5.70
N ARG B 437 -11.93 -19.54 -6.66
CA ARG B 437 -13.26 -19.04 -6.44
C ARG B 437 -14.24 -20.20 -6.32
N GLY B 438 -14.46 -20.65 -5.08
CA GLY B 438 -15.34 -21.74 -4.79
C GLY B 438 -14.94 -23.03 -5.47
N GLY B 439 -13.63 -23.17 -5.78
CA GLY B 439 -13.10 -24.38 -6.43
C GLY B 439 -12.70 -24.17 -7.87
N GLU B 440 -13.30 -23.15 -8.51
CA GLU B 440 -12.95 -22.77 -9.89
C GLU B 440 -11.79 -21.82 -9.88
N LYS B 441 -10.94 -22.02 -10.86
CA LYS B 441 -9.61 -21.46 -10.87
C LYS B 441 -9.50 -20.38 -11.93
N ILE B 442 -8.86 -19.28 -11.53
CA ILE B 442 -8.73 -18.10 -12.34
C ILE B 442 -7.31 -17.74 -12.31
N ALA B 443 -6.69 -17.72 -13.49
CA ALA B 443 -5.33 -17.26 -13.64
C ALA B 443 -5.36 -15.77 -13.73
N ALA B 444 -4.86 -15.13 -12.66
CA ALA B 444 -4.87 -13.68 -12.54
C ALA B 444 -4.22 -12.94 -13.71
N GLU B 445 -3.15 -13.51 -14.26
CA GLU B 445 -2.41 -12.86 -15.36
C GLU B 445 -3.24 -12.85 -16.63
N GLU B 446 -4.06 -13.88 -16.80
CA GLU B 446 -4.94 -13.98 -17.94
C GLU B 446 -5.90 -12.80 -17.96
N ILE B 447 -6.51 -12.55 -16.81
CA ILE B 447 -7.52 -11.50 -16.69
C ILE B 447 -6.88 -10.14 -16.69
N GLU B 448 -5.70 -10.03 -16.08
CA GLU B 448 -4.92 -8.80 -16.14
C GLU B 448 -4.55 -8.44 -17.58
N ASN B 449 -4.08 -9.40 -18.35
CA ASN B 449 -3.83 -9.10 -19.76
C ASN B 449 -5.05 -8.62 -20.48
N LEU B 450 -6.23 -9.16 -20.15
CA LEU B 450 -7.48 -8.67 -20.77
C LEU B 450 -7.84 -7.24 -20.32
N LEU B 451 -7.70 -6.97 -19.03
CA LEU B 451 -7.95 -5.62 -18.47
C LEU B 451 -7.07 -4.53 -19.12
N LEU B 452 -5.79 -4.83 -19.37
CA LEU B 452 -4.86 -3.83 -19.91
C LEU B 452 -5.23 -3.37 -21.30
N ARG B 453 -5.90 -4.27 -22.05
CA ARG B 453 -6.58 -3.92 -23.30
C ARG B 453 -7.67 -2.85 -23.22
N HIS B 454 -8.14 -2.51 -22.03
CA HIS B 454 -9.10 -1.44 -21.90
C HIS B 454 -8.37 -0.10 -22.07
N PRO B 455 -8.87 0.77 -22.97
CA PRO B 455 -8.26 2.08 -23.22
C PRO B 455 -7.97 2.90 -21.99
N ALA B 456 -8.79 2.73 -20.95
CA ALA B 456 -8.70 3.56 -19.75
C ALA B 456 -7.78 2.95 -18.70
N VAL B 457 -7.41 1.69 -18.88
CA VAL B 457 -6.61 0.95 -17.90
C VAL B 457 -5.12 0.98 -18.23
N ILE B 458 -4.34 1.51 -17.32
CA ILE B 458 -2.93 1.65 -17.50
C ILE B 458 -2.25 0.48 -16.80
N TYR B 459 -2.67 0.19 -15.58
CA TYR B 459 -2.16 -0.98 -14.81
C TYR B 459 -3.30 -1.77 -14.18
N ALA B 460 -3.06 -3.06 -14.00
CA ALA B 460 -4.06 -3.96 -13.57
C ALA B 460 -3.50 -5.06 -12.65
N ALA B 461 -4.17 -5.26 -11.51
CA ALA B 461 -3.82 -6.31 -10.57
C ALA B 461 -5.07 -7.00 -10.06
N LEU B 462 -5.08 -8.32 -10.23
CA LEU B 462 -6.20 -9.14 -9.84
C LEU B 462 -5.83 -9.91 -8.60
N VAL B 463 -6.59 -9.79 -7.51
CA VAL B 463 -6.26 -10.50 -6.28
C VAL B 463 -7.49 -11.12 -5.70
N SER B 464 -7.32 -12.16 -4.91
CA SER B 464 -8.46 -12.78 -4.23
C SER B 464 -8.80 -12.03 -2.99
N MET B 465 -10.06 -12.11 -2.58
CA MET B 465 -10.42 -11.59 -1.27
C MET B 465 -11.28 -12.59 -0.55
N GLU B 466 -11.17 -12.63 0.78
CA GLU B 466 -11.97 -13.56 1.57
C GLU B 466 -13.45 -13.34 1.23
N ASP B 467 -14.18 -14.45 1.11
CA ASP B 467 -15.63 -14.46 1.00
C ASP B 467 -16.11 -15.67 1.82
N GLU B 468 -17.21 -15.55 2.53
CA GLU B 468 -17.62 -16.59 3.47
C GLU B 468 -18.06 -17.84 2.74
N LEU B 469 -18.97 -17.66 1.78
CA LEU B 469 -19.51 -18.76 1.00
C LEU B 469 -18.44 -19.39 0.04
N MET B 470 -17.93 -18.53 -0.84
CA MET B 470 -17.09 -18.92 -1.94
C MET B 470 -15.64 -19.12 -1.56
N GLY B 471 -15.26 -18.75 -0.33
CA GLY B 471 -13.86 -18.88 0.13
C GLY B 471 -13.06 -17.71 -0.40
N GLU B 472 -13.02 -17.56 -1.72
CA GLU B 472 -12.39 -16.42 -2.34
C GLU B 472 -13.27 -15.88 -3.46
N LYS B 473 -13.28 -14.56 -3.56
CA LYS B 473 -13.91 -13.87 -4.63
C LYS B 473 -12.80 -13.08 -5.27
N SER B 474 -13.05 -12.46 -6.42
CA SER B 474 -11.99 -11.71 -7.08
C SER B 474 -12.24 -10.20 -7.08
N CYS B 475 -11.12 -9.47 -6.97
CA CYS B 475 -11.10 -8.02 -7.03
C CYS B 475 -10.03 -7.51 -7.98
N ALA B 476 -10.45 -6.67 -8.94
CA ALA B 476 -9.52 -6.03 -9.84
C ALA B 476 -9.14 -4.59 -9.32
N TYR B 477 -7.84 -4.40 -9.05
CA TYR B 477 -7.26 -3.12 -8.76
C TYR B 477 -6.73 -2.55 -10.06
N LEU B 478 -7.22 -1.37 -10.43
CA LEU B 478 -6.86 -0.76 -11.72
C LEU B 478 -6.28 0.64 -11.55
N VAL B 479 -5.25 0.96 -12.32
CA VAL B 479 -4.80 2.33 -12.41
C VAL B 479 -5.35 2.80 -13.72
N VAL B 480 -6.14 3.87 -13.66
CA VAL B 480 -6.94 4.31 -14.80
C VAL B 480 -6.68 5.76 -15.20
N LYS B 481 -6.88 6.03 -16.50
CA LYS B 481 -6.90 7.38 -17.05
C LYS B 481 -8.07 8.25 -16.56
N GLU B 482 -9.12 7.62 -16.03
CA GLU B 482 -10.21 8.31 -15.31
C GLU B 482 -11.17 7.24 -14.79
N PRO B 483 -11.87 7.48 -13.67
CA PRO B 483 -12.74 6.44 -13.09
C PRO B 483 -13.67 5.69 -14.06
N LEU B 484 -14.04 4.51 -13.62
CA LEU B 484 -14.45 3.42 -14.48
C LEU B 484 -15.22 2.55 -13.52
N ARG B 485 -16.49 2.32 -13.80
CA ARG B 485 -17.31 1.56 -12.87
C ARG B 485 -17.11 0.07 -13.16
N ALA B 486 -17.34 -0.73 -12.13
CA ALA B 486 -17.28 -2.17 -12.20
C ALA B 486 -18.07 -2.78 -13.34
N VAL B 487 -19.25 -2.23 -13.63
CA VAL B 487 -20.10 -2.76 -14.70
C VAL B 487 -19.46 -2.55 -16.07
N GLN B 488 -18.63 -1.52 -16.17
CA GLN B 488 -17.96 -1.23 -17.45
C GLN B 488 -16.86 -2.23 -17.70
N VAL B 489 -16.14 -2.56 -16.65
CA VAL B 489 -15.09 -3.56 -16.73
C VAL B 489 -15.70 -4.90 -17.08
N ARG B 490 -16.79 -5.23 -16.42
CA ARG B 490 -17.40 -6.52 -16.61
C ARG B 490 -17.97 -6.64 -18.02
N ARG B 491 -18.60 -5.58 -18.52
CA ARG B 491 -19.15 -5.62 -19.85
C ARG B 491 -17.99 -5.81 -20.88
N PHE B 492 -16.92 -5.04 -20.68
CA PHE B 492 -15.77 -5.14 -21.50
C PHE B 492 -15.18 -6.54 -21.52
N LEU B 493 -15.04 -7.16 -20.36
CA LEU B 493 -14.43 -8.51 -20.31
C LEU B 493 -15.33 -9.56 -20.98
N ARG B 494 -16.61 -9.44 -20.71
CA ARG B 494 -17.54 -10.29 -21.33
C ARG B 494 -17.41 -10.18 -22.85
N GLU B 495 -17.07 -9.01 -23.36
CA GLU B 495 -16.92 -8.82 -24.80
C GLU B 495 -15.71 -9.61 -25.33
N GLN B 496 -14.58 -9.51 -24.63
CA GLN B 496 -13.44 -10.38 -24.93
C GLN B 496 -13.75 -11.93 -24.91
N GLY B 497 -14.86 -12.33 -24.31
CA GLY B 497 -15.34 -13.72 -24.39
C GLY B 497 -14.72 -14.65 -23.37
N ILE B 498 -14.96 -14.40 -22.11
CA ILE B 498 -14.45 -15.30 -21.10
C ILE B 498 -15.59 -15.92 -20.33
N ALA B 499 -15.33 -17.03 -19.65
CA ALA B 499 -16.29 -17.62 -18.75
C ALA B 499 -16.76 -16.63 -17.68
N GLU B 500 -18.03 -16.74 -17.28
CA GLU B 500 -18.62 -15.80 -16.30
C GLU B 500 -17.89 -15.77 -14.97
N PHE B 501 -17.53 -16.93 -14.49
CA PHE B 501 -16.93 -17.02 -13.17
C PHE B 501 -15.61 -16.21 -13.08
N LYS B 502 -15.01 -15.86 -14.23
CA LYS B 502 -13.77 -15.05 -14.32
C LYS B 502 -13.94 -13.53 -14.33
N LEU B 503 -15.18 -13.06 -14.33
CA LEU B 503 -15.41 -11.64 -14.19
C LEU B 503 -15.20 -11.22 -12.74
N PRO B 504 -14.53 -10.08 -12.53
CA PRO B 504 -14.22 -9.67 -11.15
C PRO B 504 -15.44 -9.34 -10.37
N ASP B 505 -15.50 -9.88 -9.18
CA ASP B 505 -16.63 -9.61 -8.33
C ASP B 505 -16.59 -8.16 -7.85
N ARG B 506 -15.41 -7.56 -7.84
CA ARG B 506 -15.19 -6.23 -7.34
C ARG B 506 -14.11 -5.50 -8.12
N VAL B 507 -14.31 -4.22 -8.31
CA VAL B 507 -13.36 -3.40 -9.02
C VAL B 507 -13.03 -2.13 -8.21
N GLU B 508 -11.73 -1.87 -8.01
CA GLU B 508 -11.24 -0.70 -7.30
C GLU B 508 -10.26 0.15 -8.14
N CYS B 509 -10.56 1.42 -8.35
CA CYS B 509 -9.62 2.30 -9.05
C CYS B 509 -8.67 3.03 -8.08
N VAL B 510 -7.39 3.07 -8.44
CA VAL B 510 -6.37 3.58 -7.54
C VAL B 510 -5.33 4.34 -8.30
N ASP B 511 -4.59 5.22 -7.64
CA ASP B 511 -3.59 6.06 -8.34
C ASP B 511 -2.24 5.38 -8.53
N SER B 512 -1.98 4.38 -7.71
CA SER B 512 -0.69 3.68 -7.67
C SER B 512 -0.88 2.26 -7.14
N LEU B 513 0.12 1.41 -7.30
CA LEU B 513 0.08 0.03 -6.79
C LEU B 513 1.35 -0.24 -5.98
N PRO B 514 1.22 -1.00 -4.90
CA PRO B 514 2.41 -1.30 -4.12
C PRO B 514 3.42 -2.21 -4.85
N LEU B 515 4.70 -1.80 -4.82
CA LEU B 515 5.84 -2.57 -5.38
C LEU B 515 6.80 -3.01 -4.26
N THR B 516 7.38 -4.21 -4.42
CA THR B 516 8.27 -4.83 -3.42
C THR B 516 9.71 -4.33 -3.60
N LYS B 520 7.99 -5.64 -8.39
CA LYS B 520 6.80 -6.44 -8.51
C LYS B 520 5.64 -6.07 -7.55
N VAL B 521 4.41 -6.28 -8.06
CA VAL B 521 3.18 -5.88 -7.42
C VAL B 521 2.91 -6.79 -6.25
N ASP B 522 2.82 -6.20 -5.07
CA ASP B 522 2.60 -6.91 -3.87
C ASP B 522 1.13 -7.22 -3.71
N LYS B 523 0.76 -8.38 -4.17
CA LYS B 523 -0.62 -8.81 -4.08
C LYS B 523 -1.02 -9.16 -2.65
N LYS B 524 -0.08 -9.68 -1.86
CA LYS B 524 -0.36 -9.94 -0.44
C LYS B 524 -0.82 -8.66 0.28
N GLN B 525 -0.16 -7.54 -0.02
CA GLN B 525 -0.49 -6.27 0.61
C GLN B 525 -1.88 -5.79 0.17
N LEU B 526 -2.13 -5.91 -1.12
CA LEU B 526 -3.42 -5.54 -1.66
C LEU B 526 -4.59 -6.35 -1.05
N ARG B 527 -4.40 -7.61 -0.72
CA ARG B 527 -5.46 -8.36 0.01
C ARG B 527 -5.87 -7.68 1.35
N GLN B 528 -4.91 -7.00 2.00
CA GLN B 528 -5.17 -6.19 3.20
C GLN B 528 -5.64 -4.76 2.85
C1 B1X C . -0.14 26.57 12.86
C2 B1X C . -0.40 27.43 13.83
C3 B1X C . -1.52 27.31 14.55
C4 B1X C . 1.48 27.95 13.00
N1 B1X C . -2.40 26.34 14.30
N2 B1X C . -0.97 25.56 12.55
N3 B1X C . 7.08 35.16 12.08
C5 B1X C . 6.26 34.04 12.76
C6 B1X C . 5.42 32.98 13.51
C7 B1X C . 5.60 31.75 12.98
C8 B1X C . 4.50 33.15 14.59
C9 B1X C . 3.80 32.04 15.12
C10 B1X C . 4.03 30.78 14.56
C11 B1X C . 4.92 30.63 13.47
C12 B1X C . 5.25 29.40 12.86
O1 B1X C . 4.94 28.33 13.37
N4 B1X C . 5.97 29.56 11.70
S1 B1X C . 6.63 28.44 10.82
O2 B1X C . 7.50 27.61 11.76
O3 B1X C . 7.46 29.16 9.79
O4 B1X C . 5.59 27.52 10.11
C13 B1X C . 4.27 28.01 9.95
C14 B1X C . 3.29 26.84 9.83
O5 B1X C . 2.97 26.53 11.18
C15 B1X C . 1.97 27.36 9.27
O6 B1X C . 1.97 27.30 7.83
C16 B1X C . 1.07 26.36 9.82
O7 B1X C . 1.18 25.16 9.05
C17 B1X C . 1.63 26.12 11.21
N5 B1X C . 1.01 26.90 12.33
N6 B1X C . 0.61 28.28 13.92
C18 B1X C . -2.13 25.43 13.29
N7 B1X C . -1.70 28.22 15.51
C1 B1X D . -7.33 -27.61 -2.77
C2 B1X D . -7.91 -28.74 -2.43
C3 B1X D . -8.19 -29.01 -1.15
C4 B1X D . -7.71 -28.74 -4.55
N1 B1X D . -7.87 -28.14 -0.17
N2 B1X D . -6.96 -26.72 -1.88
N3 B1X D . -7.77 -35.38 -11.41
C5 B1X D . -8.19 -34.43 -10.23
C6 B1X D . -8.66 -33.46 -8.89
C7 B1X D . -8.53 -32.11 -9.05
C8 B1X D . -9.22 -33.91 -7.69
C9 B1X D . -9.58 -33.00 -6.68
C10 B1X D . -9.42 -31.60 -6.83
C11 B1X D . -8.87 -31.16 -8.03
C12 B1X D . -8.64 -29.79 -8.32
O1 B1X D . -9.16 -28.89 -7.65
N4 B1X D . -7.80 -29.63 -9.43
S1 B1X D . -7.44 -28.30 -10.12
O2 B1X D . -8.68 -27.58 -10.58
O3 B1X D . -6.46 -28.57 -11.30
O4 B1X D . -6.82 -27.31 -9.09
C13 B1X D . -5.64 -27.58 -8.35
C14 B1X D . -5.69 -26.75 -7.05
O5 B1X D . -6.93 -26.87 -6.30
C15 B1X D . -4.68 -27.30 -6.02
O6 B1X D . -3.28 -27.11 -6.43
C16 B1X D . -5.07 -26.43 -4.85
O7 B1X D . -4.68 -25.11 -5.07
C17 B1X D . -6.60 -26.53 -4.95
N5 B1X D . -7.21 -27.60 -4.09
N6 B1X D . -8.14 -29.45 -3.54
C18 B1X D . -7.23 -26.96 -0.55
N7 B1X D . -8.80 -30.16 -0.91
#